data_2E1F
# 
_entry.id   2E1F 
# 
_audit_conform.dict_name       mmcif_pdbx.dic 
_audit_conform.dict_version    5.380 
_audit_conform.dict_location   http://mmcif.pdb.org/dictionaries/ascii/mmcif_pdbx.dic 
# 
loop_
_database_2.database_id 
_database_2.database_code 
_database_2.pdbx_database_accession 
_database_2.pdbx_DOI 
PDB   2E1F         pdb_00002e1f 10.2210/pdb2e1f/pdb 
RCSB  RCSB026105   ?            ?                   
WWPDB D_1000026105 ?            ?                   
# 
_pdbx_database_related.db_name        PDB 
_pdbx_database_related.db_id          2E1E 
_pdbx_database_related.details        . 
_pdbx_database_related.content_type   unspecified 
# 
_pdbx_database_status.status_code                     REL 
_pdbx_database_status.entry_id                        2E1F 
_pdbx_database_status.recvd_initial_deposition_date   2006-10-25 
_pdbx_database_status.deposit_site                    PDBJ 
_pdbx_database_status.process_site                    PDBJ 
_pdbx_database_status.status_code_sf                  REL 
_pdbx_database_status.status_code_mr                  ? 
_pdbx_database_status.SG_entry                        ? 
_pdbx_database_status.pdb_format_compatible           Y 
_pdbx_database_status.status_code_cs                  ? 
_pdbx_database_status.status_code_nmr_data            ? 
_pdbx_database_status.methods_development_category    ? 
# 
loop_
_audit_author.name 
_audit_author.pdbx_ordinal 
'Kitano, K.'    1 
'Yoshihara, N.' 2 
'Hakoshima, T.' 3 
# 
_citation.id                        primary 
_citation.title                     'Crystal structure of the HRDC domain of human Werner syndrome protein, WRN' 
_citation.journal_abbrev            J.Biol.Chem. 
_citation.journal_volume            282 
_citation.page_first                2717 
_citation.page_last                 2728 
_citation.year                      2007 
_citation.journal_id_ASTM           JBCHA3 
_citation.country                   US 
_citation.journal_id_ISSN           0021-9258 
_citation.journal_id_CSD            0071 
_citation.book_publisher            ? 
_citation.pdbx_database_id_PubMed   17148451 
_citation.pdbx_database_id_DOI      10.1074/jbc.M610142200 
# 
loop_
_citation_author.citation_id 
_citation_author.name 
_citation_author.ordinal 
_citation_author.identifier_ORCID 
primary 'Kitano, K.'    1 ? 
primary 'Yoshihara, N.' 2 ? 
primary 'Hakoshima, T.' 3 ? 
# 
_cell.entry_id           2E1F 
_cell.length_a           61.664 
_cell.length_b           61.664 
_cell.length_c           136.683 
_cell.angle_alpha        90.00 
_cell.angle_beta         90.00 
_cell.angle_gamma        120.00 
_cell.Z_PDB              12 
_cell.pdbx_unique_axis   ? 
_cell.length_a_esd       ? 
_cell.length_b_esd       ? 
_cell.length_c_esd       ? 
_cell.angle_alpha_esd    ? 
_cell.angle_beta_esd     ? 
_cell.angle_gamma_esd    ? 
# 
_symmetry.entry_id                         2E1F 
_symmetry.space_group_name_H-M             'P 62 2 2' 
_symmetry.pdbx_full_space_group_name_H-M   ? 
_symmetry.cell_setting                     ? 
_symmetry.Int_Tables_number                180 
_symmetry.space_group_name_Hall            ? 
# 
loop_
_entity.id 
_entity.type 
_entity.src_method 
_entity.pdbx_description 
_entity.formula_weight 
_entity.pdbx_number_of_molecules 
_entity.pdbx_ec 
_entity.pdbx_mutation 
_entity.pdbx_fragment 
_entity.details 
1 polymer     man 'Werner syndrome ATP-dependent helicase' 11399.173 1  3.6.1.- ? 'HRDC domain' ? 
2 non-polymer syn 'CHLORIDE ION'                           35.453    1  ?       ? ?             ? 
3 water       nat water                                    18.015    52 ?       ? ?             ? 
# 
_entity_poly.entity_id                      1 
_entity_poly.type                           'polypeptide(L)' 
_entity_poly.nstd_linkage                   no 
_entity_poly.nstd_monomer                   no 
_entity_poly.pdbx_seq_one_letter_code       
;GIQPVISAQEQETQIVLYGKLVEARQKHANKMDVPPAILATNKILVDMAKMRPTTVENVKRIDGVSEGKAAMLAPLLEVI
KHFCQTNSVQTDLFSSTKPQEEQ
;
_entity_poly.pdbx_seq_one_letter_code_can   
;GIQPVISAQEQETQIVLYGKLVEARQKHANKMDVPPAILATNKILVDMAKMRPTTVENVKRIDGVSEGKAAMLAPLLEVI
KHFCQTNSVQTDLFSSTKPQEEQ
;
_entity_poly.pdbx_strand_id                 A 
_entity_poly.pdbx_target_identifier         ? 
# 
loop_
_entity_poly_seq.entity_id 
_entity_poly_seq.num 
_entity_poly_seq.mon_id 
_entity_poly_seq.hetero 
1 1   GLY n 
1 2   ILE n 
1 3   GLN n 
1 4   PRO n 
1 5   VAL n 
1 6   ILE n 
1 7   SER n 
1 8   ALA n 
1 9   GLN n 
1 10  GLU n 
1 11  GLN n 
1 12  GLU n 
1 13  THR n 
1 14  GLN n 
1 15  ILE n 
1 16  VAL n 
1 17  LEU n 
1 18  TYR n 
1 19  GLY n 
1 20  LYS n 
1 21  LEU n 
1 22  VAL n 
1 23  GLU n 
1 24  ALA n 
1 25  ARG n 
1 26  GLN n 
1 27  LYS n 
1 28  HIS n 
1 29  ALA n 
1 30  ASN n 
1 31  LYS n 
1 32  MET n 
1 33  ASP n 
1 34  VAL n 
1 35  PRO n 
1 36  PRO n 
1 37  ALA n 
1 38  ILE n 
1 39  LEU n 
1 40  ALA n 
1 41  THR n 
1 42  ASN n 
1 43  LYS n 
1 44  ILE n 
1 45  LEU n 
1 46  VAL n 
1 47  ASP n 
1 48  MET n 
1 49  ALA n 
1 50  LYS n 
1 51  MET n 
1 52  ARG n 
1 53  PRO n 
1 54  THR n 
1 55  THR n 
1 56  VAL n 
1 57  GLU n 
1 58  ASN n 
1 59  VAL n 
1 60  LYS n 
1 61  ARG n 
1 62  ILE n 
1 63  ASP n 
1 64  GLY n 
1 65  VAL n 
1 66  SER n 
1 67  GLU n 
1 68  GLY n 
1 69  LYS n 
1 70  ALA n 
1 71  ALA n 
1 72  MET n 
1 73  LEU n 
1 74  ALA n 
1 75  PRO n 
1 76  LEU n 
1 77  LEU n 
1 78  GLU n 
1 79  VAL n 
1 80  ILE n 
1 81  LYS n 
1 82  HIS n 
1 83  PHE n 
1 84  CYS n 
1 85  GLN n 
1 86  THR n 
1 87  ASN n 
1 88  SER n 
1 89  VAL n 
1 90  GLN n 
1 91  THR n 
1 92  ASP n 
1 93  LEU n 
1 94  PHE n 
1 95  SER n 
1 96  SER n 
1 97  THR n 
1 98  LYS n 
1 99  PRO n 
1 100 GLN n 
1 101 GLU n 
1 102 GLU n 
1 103 GLN n 
# 
_entity_src_gen.entity_id                          1 
_entity_src_gen.pdbx_src_id                        1 
_entity_src_gen.pdbx_alt_source_flag               sample 
_entity_src_gen.pdbx_seq_type                      ? 
_entity_src_gen.pdbx_beg_seq_num                   ? 
_entity_src_gen.pdbx_end_seq_num                   ? 
_entity_src_gen.gene_src_common_name               human 
_entity_src_gen.gene_src_genus                     ? 
_entity_src_gen.pdbx_gene_src_gene                 ? 
_entity_src_gen.gene_src_species                   ? 
_entity_src_gen.gene_src_strain                    ? 
_entity_src_gen.gene_src_tissue                    ? 
_entity_src_gen.gene_src_tissue_fraction           ? 
_entity_src_gen.gene_src_details                   ? 
_entity_src_gen.pdbx_gene_src_fragment             ? 
_entity_src_gen.pdbx_gene_src_scientific_name      'Homo sapiens' 
_entity_src_gen.pdbx_gene_src_ncbi_taxonomy_id     9606 
_entity_src_gen.pdbx_gene_src_variant              ? 
_entity_src_gen.pdbx_gene_src_cell_line            ? 
_entity_src_gen.pdbx_gene_src_atcc                 ? 
_entity_src_gen.pdbx_gene_src_organ                ? 
_entity_src_gen.pdbx_gene_src_organelle            ? 
_entity_src_gen.pdbx_gene_src_cell                 ? 
_entity_src_gen.pdbx_gene_src_cellular_location    ? 
_entity_src_gen.host_org_common_name               ? 
_entity_src_gen.pdbx_host_org_scientific_name      'Escherichia coli' 
_entity_src_gen.pdbx_host_org_ncbi_taxonomy_id     562 
_entity_src_gen.host_org_genus                     ? 
_entity_src_gen.pdbx_host_org_gene                 ? 
_entity_src_gen.pdbx_host_org_organ                ? 
_entity_src_gen.host_org_species                   ? 
_entity_src_gen.pdbx_host_org_tissue               ? 
_entity_src_gen.pdbx_host_org_tissue_fraction      ? 
_entity_src_gen.pdbx_host_org_strain               'BL21-CodonPlus RIL' 
_entity_src_gen.pdbx_host_org_variant              ? 
_entity_src_gen.pdbx_host_org_cell_line            ? 
_entity_src_gen.pdbx_host_org_atcc                 ? 
_entity_src_gen.pdbx_host_org_culture_collection   ? 
_entity_src_gen.pdbx_host_org_cell                 ? 
_entity_src_gen.pdbx_host_org_organelle            ? 
_entity_src_gen.pdbx_host_org_cellular_location    ? 
_entity_src_gen.pdbx_host_org_vector_type          plasmid 
_entity_src_gen.pdbx_host_org_vector               ? 
_entity_src_gen.host_org_details                   ? 
_entity_src_gen.expression_system_id               ? 
_entity_src_gen.plasmid_name                       pGEX-5X-1 
_entity_src_gen.plasmid_details                    ? 
_entity_src_gen.pdbx_description                   ? 
# 
_struct_ref.id                         1 
_struct_ref.db_name                    UNP 
_struct_ref.db_code                    WRN_HUMAN 
_struct_ref.pdbx_db_accession          Q14191 
_struct_ref.entity_id                  1 
_struct_ref.pdbx_align_begin           1142 
_struct_ref.pdbx_seq_one_letter_code   ? 
_struct_ref.pdbx_db_isoform            ? 
# 
_struct_ref_seq.align_id                      1 
_struct_ref_seq.ref_id                        1 
_struct_ref_seq.pdbx_PDB_id_code              2E1F 
_struct_ref_seq.pdbx_strand_id                A 
_struct_ref_seq.seq_align_beg                 3 
_struct_ref_seq.pdbx_seq_align_beg_ins_code   ? 
_struct_ref_seq.seq_align_end                 103 
_struct_ref_seq.pdbx_seq_align_end_ins_code   ? 
_struct_ref_seq.pdbx_db_accession             Q14191 
_struct_ref_seq.db_align_beg                  1142 
_struct_ref_seq.pdbx_db_align_beg_ins_code    ? 
_struct_ref_seq.db_align_end                  1242 
_struct_ref_seq.pdbx_db_align_end_ins_code    ? 
_struct_ref_seq.pdbx_auth_seq_align_beg       1142 
_struct_ref_seq.pdbx_auth_seq_align_end       1242 
# 
loop_
_struct_ref_seq_dif.align_id 
_struct_ref_seq_dif.pdbx_pdb_id_code 
_struct_ref_seq_dif.mon_id 
_struct_ref_seq_dif.pdbx_pdb_strand_id 
_struct_ref_seq_dif.seq_num 
_struct_ref_seq_dif.pdbx_pdb_ins_code 
_struct_ref_seq_dif.pdbx_seq_db_name 
_struct_ref_seq_dif.pdbx_seq_db_accession_code 
_struct_ref_seq_dif.db_mon_id 
_struct_ref_seq_dif.pdbx_seq_db_seq_num 
_struct_ref_seq_dif.details 
_struct_ref_seq_dif.pdbx_auth_seq_num 
_struct_ref_seq_dif.pdbx_ordinal 
1 2E1F GLY A 1 ? UNP Q14191 ? ? 'expression tag' 1140 1 
1 2E1F ILE A 2 ? UNP Q14191 ? ? 'expression tag' 1141 2 
# 
loop_
_chem_comp.id 
_chem_comp.type 
_chem_comp.mon_nstd_flag 
_chem_comp.name 
_chem_comp.pdbx_synonyms 
_chem_comp.formula 
_chem_comp.formula_weight 
ALA 'L-peptide linking' y ALANINE         ? 'C3 H7 N O2'     89.093  
ARG 'L-peptide linking' y ARGININE        ? 'C6 H15 N4 O2 1' 175.209 
ASN 'L-peptide linking' y ASPARAGINE      ? 'C4 H8 N2 O3'    132.118 
ASP 'L-peptide linking' y 'ASPARTIC ACID' ? 'C4 H7 N O4'     133.103 
CL  non-polymer         . 'CHLORIDE ION'  ? 'Cl -1'          35.453  
CYS 'L-peptide linking' y CYSTEINE        ? 'C3 H7 N O2 S'   121.158 
GLN 'L-peptide linking' y GLUTAMINE       ? 'C5 H10 N2 O3'   146.144 
GLU 'L-peptide linking' y 'GLUTAMIC ACID' ? 'C5 H9 N O4'     147.129 
GLY 'peptide linking'   y GLYCINE         ? 'C2 H5 N O2'     75.067  
HIS 'L-peptide linking' y HISTIDINE       ? 'C6 H10 N3 O2 1' 156.162 
HOH non-polymer         . WATER           ? 'H2 O'           18.015  
ILE 'L-peptide linking' y ISOLEUCINE      ? 'C6 H13 N O2'    131.173 
LEU 'L-peptide linking' y LEUCINE         ? 'C6 H13 N O2'    131.173 
LYS 'L-peptide linking' y LYSINE          ? 'C6 H15 N2 O2 1' 147.195 
MET 'L-peptide linking' y METHIONINE      ? 'C5 H11 N O2 S'  149.211 
PHE 'L-peptide linking' y PHENYLALANINE   ? 'C9 H11 N O2'    165.189 
PRO 'L-peptide linking' y PROLINE         ? 'C5 H9 N O2'     115.130 
SER 'L-peptide linking' y SERINE          ? 'C3 H7 N O3'     105.093 
THR 'L-peptide linking' y THREONINE       ? 'C4 H9 N O3'     119.119 
TYR 'L-peptide linking' y TYROSINE        ? 'C9 H11 N O3'    181.189 
VAL 'L-peptide linking' y VALINE          ? 'C5 H11 N O2'    117.146 
# 
_exptl.entry_id          2E1F 
_exptl.method            'X-RAY DIFFRACTION' 
_exptl.crystals_number   1 
# 
_exptl_crystal.id                    1 
_exptl_crystal.density_meas          ? 
_exptl_crystal.density_Matthews      3.29 
_exptl_crystal.density_percent_sol   62.60 
_exptl_crystal.description           ? 
_exptl_crystal.F_000                 ? 
_exptl_crystal.preparation           ? 
# 
_exptl_crystal_grow.crystal_id      1 
_exptl_crystal_grow.method          'VAPOR DIFFUSION' 
_exptl_crystal_grow.temp            293 
_exptl_crystal_grow.temp_details    ? 
_exptl_crystal_grow.pH              5.5 
_exptl_crystal_grow.pdbx_details    'pH 5.5, VAPOR DIFFUSION, temperature 293K' 
_exptl_crystal_grow.pdbx_pH_range   . 
# 
_diffrn.id                     1 
_diffrn.ambient_temp           90 
_diffrn.ambient_temp_details   ? 
_diffrn.crystal_id             1 
# 
_diffrn_detector.diffrn_id              1 
_diffrn_detector.detector               'IMAGE PLATE' 
_diffrn_detector.type                   RIGAKU 
_diffrn_detector.pdbx_collection_date   2006-05-20 
_diffrn_detector.details                ? 
# 
_diffrn_radiation.diffrn_id                        1 
_diffrn_radiation.wavelength_id                    1 
_diffrn_radiation.pdbx_monochromatic_or_laue_m_l   M 
_diffrn_radiation.monochromator                    ? 
_diffrn_radiation.pdbx_diffrn_protocol             'SINGLE WAVELENGTH' 
_diffrn_radiation.pdbx_scattering_type             x-ray 
# 
_diffrn_radiation_wavelength.id           1 
_diffrn_radiation_wavelength.wavelength   1.00 
_diffrn_radiation_wavelength.wt           1.0 
# 
_diffrn_source.diffrn_id                   1 
_diffrn_source.source                      SYNCHROTRON 
_diffrn_source.type                        'SPRING-8 BEAMLINE BL38B1' 
_diffrn_source.pdbx_synchrotron_site       SPring-8 
_diffrn_source.pdbx_synchrotron_beamline   BL38B1 
_diffrn_source.pdbx_wavelength             ? 
_diffrn_source.pdbx_wavelength_list        1.00 
# 
_reflns.entry_id                     2E1F 
_reflns.observed_criterion_sigma_F   ? 
_reflns.observed_criterion_sigma_I   ? 
_reflns.d_resolution_high            2.0 
_reflns.d_resolution_low             20 
_reflns.number_all                   ? 
_reflns.number_obs                   10934 
_reflns.percent_possible_obs         99.7 
_reflns.pdbx_Rmerge_I_obs            ? 
_reflns.pdbx_Rsym_value              ? 
_reflns.pdbx_netI_over_sigmaI        ? 
_reflns.B_iso_Wilson_estimate        ? 
_reflns.pdbx_redundancy              ? 
_reflns.R_free_details               ? 
_reflns.limit_h_max                  ? 
_reflns.limit_h_min                  ? 
_reflns.limit_k_max                  ? 
_reflns.limit_k_min                  ? 
_reflns.limit_l_max                  ? 
_reflns.limit_l_min                  ? 
_reflns.observed_criterion_F_max     ? 
_reflns.observed_criterion_F_min     ? 
_reflns.pdbx_chi_squared             ? 
_reflns.pdbx_scaling_rejects         ? 
_reflns.pdbx_ordinal                 1 
_reflns.pdbx_diffrn_id               1 
# 
_reflns_shell.d_res_high             2.00 
_reflns_shell.d_res_low              2.07 
_reflns_shell.percent_possible_all   99.6 
_reflns_shell.Rmerge_I_obs           ? 
_reflns_shell.pdbx_Rsym_value        ? 
_reflns_shell.meanI_over_sigI_obs    ? 
_reflns_shell.pdbx_redundancy        ? 
_reflns_shell.percent_possible_obs   ? 
_reflns_shell.number_unique_all      ? 
_reflns_shell.number_measured_all    ? 
_reflns_shell.number_measured_obs    ? 
_reflns_shell.number_unique_obs      ? 
_reflns_shell.pdbx_chi_squared       ? 
_reflns_shell.pdbx_ordinal           1 
_reflns_shell.pdbx_diffrn_id         1 
# 
_refine.entry_id                                 2E1F 
_refine.ls_d_res_high                            2.0 
_refine.ls_d_res_low                             20 
_refine.pdbx_ls_sigma_F                          ? 
_refine.pdbx_ls_sigma_I                          ? 
_refine.ls_number_reflns_all                     ? 
_refine.ls_number_reflns_obs                     10934 
_refine.ls_number_reflns_R_free                  530 
_refine.ls_percent_reflns_obs                    99.7 
_refine.ls_R_factor_all                          ? 
_refine.ls_R_factor_obs                          ? 
_refine.ls_R_factor_R_work                       0.248 
_refine.ls_R_factor_R_free                       0.255 
_refine.ls_redundancy_reflns_obs                 ? 
_refine.pdbx_data_cutoff_high_absF               ? 
_refine.pdbx_data_cutoff_low_absF                ? 
_refine.ls_number_parameters                     ? 
_refine.ls_number_restraints                     ? 
_refine.ls_percent_reflns_R_free                 ? 
_refine.ls_R_factor_R_free_error                 ? 
_refine.ls_R_factor_R_free_error_details         ? 
_refine.pdbx_method_to_determine_struct          'MOLECULAR REPLACEMENT' 
_refine.pdbx_starting_model                      2E1E 
_refine.pdbx_ls_cross_valid_method               ? 
_refine.pdbx_R_Free_selection_details            RANDOM 
_refine.pdbx_stereochem_target_val_spec_case     ? 
_refine.pdbx_stereochemistry_target_values       ? 
_refine.solvent_model_details                    ? 
_refine.solvent_model_param_bsol                 ? 
_refine.solvent_model_param_ksol                 ? 
_refine.occupancy_max                            ? 
_refine.occupancy_min                            ? 
_refine.pdbx_isotropic_thermal_model             ? 
_refine.B_iso_mean                               ? 
_refine.aniso_B[1][1]                            ? 
_refine.aniso_B[1][2]                            ? 
_refine.aniso_B[1][3]                            ? 
_refine.aniso_B[2][2]                            ? 
_refine.aniso_B[2][3]                            ? 
_refine.aniso_B[3][3]                            ? 
_refine.details                                  'the structure was refined also with REFMAC 5.' 
_refine.B_iso_min                                ? 
_refine.B_iso_max                                ? 
_refine.correlation_coeff_Fo_to_Fc               ? 
_refine.correlation_coeff_Fo_to_Fc_free          ? 
_refine.pdbx_solvent_vdw_probe_radii             ? 
_refine.pdbx_solvent_ion_probe_radii             ? 
_refine.pdbx_solvent_shrinkage_radii             ? 
_refine.overall_SU_R_Cruickshank_DPI             ? 
_refine.overall_SU_R_free                        ? 
_refine.overall_SU_ML                            ? 
_refine.overall_SU_B                             ? 
_refine.pdbx_overall_ESU_R_Free                  ? 
_refine.pdbx_data_cutoff_high_rms_absF           ? 
_refine.pdbx_overall_ESU_R                       ? 
_refine.ls_wR_factor_R_free                      ? 
_refine.ls_wR_factor_R_work                      ? 
_refine.overall_FOM_free_R_set                   ? 
_refine.overall_FOM_work_R_set                   ? 
_refine.pdbx_overall_phase_error                 ? 
_refine.pdbx_refine_id                           'X-RAY DIFFRACTION' 
_refine.pdbx_diffrn_id                           1 
_refine.pdbx_TLS_residual_ADP_flag               ? 
_refine.pdbx_overall_SU_R_free_Cruickshank_DPI   ? 
_refine.pdbx_overall_SU_R_Blow_DPI               ? 
_refine.pdbx_overall_SU_R_free_Blow_DPI          ? 
# 
_refine_hist.pdbx_refine_id                   'X-RAY DIFFRACTION' 
_refine_hist.cycle_id                         LAST 
_refine_hist.pdbx_number_atoms_protein        724 
_refine_hist.pdbx_number_atoms_nucleic_acid   0 
_refine_hist.pdbx_number_atoms_ligand         1 
_refine_hist.number_atoms_solvent             52 
_refine_hist.number_atoms_total               777 
_refine_hist.d_res_high                       2.0 
_refine_hist.d_res_low                        20 
# 
_struct.entry_id                  2E1F 
_struct.title                     'Crystal structure of the HRDC Domain of Human Werner Syndrome Protein, WRN' 
_struct.pdbx_model_details        ? 
_struct.pdbx_CASP_flag            ? 
_struct.pdbx_model_type_details   ? 
# 
_struct_keywords.entry_id        2E1F 
_struct_keywords.pdbx_keywords   HYDROLASE 
_struct_keywords.text            'HRDC domain, Hydrolase' 
# 
loop_
_struct_asym.id 
_struct_asym.pdbx_blank_PDB_chainid_flag 
_struct_asym.pdbx_modified 
_struct_asym.entity_id 
_struct_asym.details 
A N N 1 ? 
B N N 2 ? 
C N N 3 ? 
# 
_struct_biol.id   1 
# 
loop_
_struct_conf.conf_type_id 
_struct_conf.id 
_struct_conf.pdbx_PDB_helix_id 
_struct_conf.beg_label_comp_id 
_struct_conf.beg_label_asym_id 
_struct_conf.beg_label_seq_id 
_struct_conf.pdbx_beg_PDB_ins_code 
_struct_conf.end_label_comp_id 
_struct_conf.end_label_asym_id 
_struct_conf.end_label_seq_id 
_struct_conf.pdbx_end_PDB_ins_code 
_struct_conf.beg_auth_comp_id 
_struct_conf.beg_auth_asym_id 
_struct_conf.beg_auth_seq_id 
_struct_conf.end_auth_comp_id 
_struct_conf.end_auth_asym_id 
_struct_conf.end_auth_seq_id 
_struct_conf.pdbx_PDB_helix_class 
_struct_conf.details 
_struct_conf.pdbx_PDB_helix_length 
HELX_P HELX_P1 1 SER A 7  ? ASP A 33 ? SER A 1146 ASP A 1172 1 ? 27 
HELX_P HELX_P2 2 PRO A 35 ? ALA A 40 ? PRO A 1174 ALA A 1179 1 ? 6  
HELX_P HELX_P3 3 THR A 41 ? ARG A 52 ? THR A 1180 ARG A 1191 1 ? 12 
HELX_P HELX_P4 4 THR A 55 ? LYS A 60 ? THR A 1194 LYS A 1199 1 ? 6  
HELX_P HELX_P5 5 SER A 66 ? LEU A 73 ? SER A 1205 LEU A 1212 1 ? 8  
HELX_P HELX_P6 6 LEU A 73 ? ASN A 87 ? LEU A 1212 ASN A 1226 1 ? 15 
# 
_struct_conf_type.id          HELX_P 
_struct_conf_type.criteria    ? 
_struct_conf_type.reference   ? 
# 
_struct_site.id                   AC1 
_struct_site.pdbx_evidence_code   Software 
_struct_site.pdbx_auth_asym_id    A 
_struct_site.pdbx_auth_comp_id    CL 
_struct_site.pdbx_auth_seq_id     101 
_struct_site.pdbx_auth_ins_code   ? 
_struct_site.pdbx_num_residues    4 
_struct_site.details              'BINDING SITE FOR RESIDUE CL A 101' 
# 
loop_
_struct_site_gen.id 
_struct_site_gen.site_id 
_struct_site_gen.pdbx_num_res 
_struct_site_gen.label_comp_id 
_struct_site_gen.label_asym_id 
_struct_site_gen.label_seq_id 
_struct_site_gen.pdbx_auth_ins_code 
_struct_site_gen.auth_comp_id 
_struct_site_gen.auth_asym_id 
_struct_site_gen.auth_seq_id 
_struct_site_gen.label_atom_id 
_struct_site_gen.label_alt_id 
_struct_site_gen.symmetry 
_struct_site_gen.details 
1 AC1 4 ILE A 15 ? ILE A 1154 . ? 1_555  ? 
2 AC1 4 ILE A 15 ? ILE A 1154 . ? 12_555 ? 
3 AC1 4 GLY A 19 ? GLY A 1158 . ? 12_555 ? 
4 AC1 4 GLY A 19 ? GLY A 1158 . ? 1_555  ? 
# 
_atom_sites.entry_id                    2E1F 
_atom_sites.fract_transf_matrix[1][1]   -0.01391615 
_atom_sites.fract_transf_matrix[1][2]   -0.00649892 
_atom_sites.fract_transf_matrix[1][3]   0.01071269 
_atom_sites.fract_transf_matrix[2][1]   -0.00516014 
_atom_sites.fract_transf_matrix[2][2]   -0.01795884 
_atom_sites.fract_transf_matrix[2][3]   -0.00123132 
_atom_sites.fract_transf_matrix[3][1]   0.00482763 
_atom_sites.fract_transf_matrix[3][2]   -0.00174454 
_atom_sites.fract_transf_matrix[3][3]   0.00521291 
_atom_sites.fract_transf_vector[1]      0.294088 
_atom_sites.fract_transf_vector[2]      0.240383 
_atom_sites.fract_transf_vector[3]      0.088079 
# 
loop_
_atom_type.symbol 
C  
CL 
N  
O  
S  
# 
loop_
_atom_site.group_PDB 
_atom_site.id 
_atom_site.type_symbol 
_atom_site.label_atom_id 
_atom_site.label_alt_id 
_atom_site.label_comp_id 
_atom_site.label_asym_id 
_atom_site.label_entity_id 
_atom_site.label_seq_id 
_atom_site.pdbx_PDB_ins_code 
_atom_site.Cartn_x 
_atom_site.Cartn_y 
_atom_site.Cartn_z 
_atom_site.occupancy 
_atom_site.B_iso_or_equiv 
_atom_site.pdbx_formal_charge 
_atom_site.auth_seq_id 
_atom_site.auth_comp_id 
_atom_site.auth_asym_id 
_atom_site.auth_atom_id 
_atom_site.pdbx_PDB_model_num 
ATOM   1   N  N   . GLN A 1 3  ? -5.506  -17.028 18.647  1.00 41.89 ? 1142 GLN A N   1 
ATOM   2   C  CA  . GLN A 1 3  ? -6.249  -15.836 18.122  1.00 41.67 ? 1142 GLN A CA  1 
ATOM   3   C  C   . GLN A 1 3  ? -5.574  -15.130 16.942  1.00 41.48 ? 1142 GLN A C   1 
ATOM   4   O  O   . GLN A 1 3  ? -6.242  -14.845 15.947  1.00 41.81 ? 1142 GLN A O   1 
ATOM   5   C  CB  . GLN A 1 3  ? -6.584  -14.842 19.243  1.00 41.72 ? 1142 GLN A CB  1 
ATOM   6   C  CG  . GLN A 1 3  ? -7.558  -15.394 20.281  1.00 42.61 ? 1142 GLN A CG  1 
ATOM   7   C  CD  . GLN A 1 3  ? -8.264  -14.311 21.083  1.00 43.18 ? 1142 GLN A CD  1 
ATOM   8   O  OE1 . GLN A 1 3  ? -8.396  -13.170 20.633  1.00 43.64 ? 1142 GLN A OE1 1 
ATOM   9   N  NE2 . GLN A 1 3  ? -8.732  -14.672 22.275  1.00 43.33 ? 1142 GLN A NE2 1 
ATOM   10  N  N   . PRO A 1 4  ? -4.259  -14.821 17.041  1.00 41.13 ? 1143 PRO A N   1 
ATOM   11  C  CA  . PRO A 1 4  ? -3.657  -14.110 15.910  1.00 40.51 ? 1143 PRO A CA  1 
ATOM   12  C  C   . PRO A 1 4  ? -3.507  -15.026 14.701  1.00 39.98 ? 1143 PRO A C   1 
ATOM   13  O  O   . PRO A 1 4  ? -3.151  -16.203 14.856  1.00 39.97 ? 1143 PRO A O   1 
ATOM   14  C  CB  . PRO A 1 4  ? -2.275  -13.697 16.437  1.00 40.71 ? 1143 PRO A CB  1 
ATOM   15  C  CG  . PRO A 1 4  ? -2.302  -13.962 17.906  1.00 40.77 ? 1143 PRO A CG  1 
ATOM   16  C  CD  . PRO A 1 4  ? -3.268  -15.071 18.102  1.00 41.13 ? 1143 PRO A CD  1 
ATOM   17  N  N   . VAL A 1 5  ? -3.799  -14.503 13.513  1.00 39.28 ? 1144 VAL A N   1 
ATOM   18  C  CA  . VAL A 1 5  ? -3.658  -15.307 12.298  1.00 38.34 ? 1144 VAL A CA  1 
ATOM   19  C  C   . VAL A 1 5  ? -2.287  -15.076 11.667  1.00 37.43 ? 1144 VAL A C   1 
ATOM   20  O  O   . VAL A 1 5  ? -1.702  -15.993 11.106  1.00 37.08 ? 1144 VAL A O   1 
ATOM   21  C  CB  . VAL A 1 5  ? -4.832  -15.120 11.266  1.00 38.08 ? 1144 VAL A CB  1 
ATOM   22  C  CG1 . VAL A 1 5  ? -6.187  -15.209 11.955  1.00 38.04 ? 1144 VAL A CG1 1 
ATOM   23  C  CG2 . VAL A 1 5  ? -4.710  -13.834 10.512  1.00 38.59 ? 1144 VAL A CG2 1 
ATOM   24  N  N   . ILE A 1 6  ? -1.769  -13.858 11.788  1.00 36.69 ? 1145 ILE A N   1 
ATOM   25  C  CA  . ILE A 1 6  ? -0.459  -13.536 11.221  1.00 36.34 ? 1145 ILE A CA  1 
ATOM   26  C  C   . ILE A 1 6  ? 0.684   -13.744 12.217  1.00 36.01 ? 1145 ILE A C   1 
ATOM   27  O  O   . ILE A 1 6  ? 0.473   -13.751 13.430  1.00 35.65 ? 1145 ILE A O   1 
ATOM   28  C  CB  . ILE A 1 6  ? -0.399  -12.114 10.595  1.00 36.47 ? 1145 ILE A CB  1 
ATOM   29  C  CG1 . ILE A 1 6  ? -0.569  -11.019 11.664  1.00 36.33 ? 1145 ILE A CG1 1 
ATOM   30  C  CG2 . ILE A 1 6  ? -1.408  -12.000 9.439   1.00 37.00 ? 1145 ILE A CG2 1 
ATOM   31  C  CD1 . ILE A 1 6  ? -0.424  -9.595  11.130  1.00 36.86 ? 1145 ILE A CD1 1 
ATOM   32  N  N   . SER A 1 7  ? 1.886   -13.937 11.683  1.00 35.69 ? 1146 SER A N   1 
ATOM   33  C  CA  . SER A 1 7  ? 3.065   -14.176 12.504  1.00 35.70 ? 1146 SER A CA  1 
ATOM   34  C  C   . SER A 1 7  ? 3.583   -12.842 13.018  1.00 35.65 ? 1146 SER A C   1 
ATOM   35  O  O   . SER A 1 7  ? 3.214   -11.787 12.505  1.00 34.32 ? 1146 SER A O   1 
ATOM   36  C  CB  . SER A 1 7  ? 4.150   -14.872 11.685  1.00 35.71 ? 1146 SER A CB  1 
ATOM   37  O  OG  . SER A 1 7  ? 4.633   -13.995 10.686  1.00 35.70 ? 1146 SER A OG  1 
ATOM   38  N  N   . ALA A 1 8  ? 4.435   -12.900 14.039  1.00 36.06 ? 1147 ALA A N   1 
ATOM   39  C  CA  . ALA A 1 8  ? 5.090   -11.710 14.573  1.00 36.65 ? 1147 ALA A CA  1 
ATOM   40  C  C   . ALA A 1 8  ? 5.874   -10.961 13.497  1.00 37.19 ? 1147 ALA A C   1 
ATOM   41  O  O   . ALA A 1 8  ? 5.848   -9.721  13.440  1.00 37.84 ? 1147 ALA A O   1 
ATOM   42  C  CB  . ALA A 1 8  ? 6.012   -12.094 15.753  1.00 36.82 ? 1147 ALA A CB  1 
ATOM   43  N  N   . GLN A 1 9  ? 6.570   -11.702 12.641  1.00 37.46 ? 1148 GLN A N   1 
ATOM   44  C  CA  . GLN A 1 9  ? 7.364   -11.063 11.595  1.00 38.49 ? 1148 GLN A CA  1 
ATOM   45  C  C   . GLN A 1 9  ? 6.489   -10.371 10.551  1.00 37.78 ? 1148 GLN A C   1 
ATOM   46  O  O   . GLN A 1 9  ? 6.812   -9.273  10.108  1.00 37.45 ? 1148 GLN A O   1 
ATOM   47  C  CB  . GLN A 1 9  ? 8.351   -12.042 10.946  1.00 38.95 ? 1148 GLN A CB  1 
ATOM   48  C  CG  . GLN A 1 9  ? 9.576   -12.391 11.829  1.00 42.84 ? 1148 GLN A CG  1 
ATOM   49  C  CD  . GLN A 1 9  ? 10.552  -11.216 12.093  1.00 47.76 ? 1148 GLN A CD  1 
ATOM   50  O  OE1 . GLN A 1 9  ? 10.188  -10.030 12.035  1.00 49.44 ? 1148 GLN A OE1 1 
ATOM   51  N  NE2 . GLN A 1 9  ? 11.804  -11.564 12.410  1.00 49.41 ? 1148 GLN A NE2 1 
ATOM   52  N  N   . GLU A 1 10 ? 5.381   -11.013 10.175  1.00 37.61 ? 1149 GLU A N   1 
ATOM   53  C  CA  . GLU A 1 10 ? 4.407   -10.412 9.251   1.00 37.30 ? 1149 GLU A CA  1 
ATOM   54  C  C   . GLU A 1 10 ? 3.805   -9.133  9.840   1.00 37.51 ? 1149 GLU A C   1 
ATOM   55  O  O   . GLU A 1 10 ? 3.695   -8.123  9.155   1.00 36.68 ? 1149 GLU A O   1 
ATOM   56  C  CB  . GLU A 1 10 ? 3.319   -11.427 8.862   1.00 37.42 ? 1149 GLU A CB  1 
ATOM   57  C  CG  . GLU A 1 10 ? 2.070   -10.842 8.169   1.00 37.54 ? 1149 GLU A CG  1 
ATOM   58  C  CD  . GLU A 1 10 ? 2.321   -10.330 6.756   1.00 38.12 ? 1149 GLU A CD  1 
ATOM   59  O  OE1 . GLU A 1 10 ? 1.509   -9.499  6.276   1.00 38.30 ? 1149 GLU A OE1 1 
ATOM   60  O  OE2 . GLU A 1 10 ? 3.307   -10.759 6.119   1.00 36.36 ? 1149 GLU A OE2 1 
ATOM   61  N  N   . GLN A 1 11 ? 3.433   -9.181  11.116  1.00 37.89 ? 1150 GLN A N   1 
ATOM   62  C  CA  . GLN A 1 11 ? 2.927   -8.005  11.818  1.00 38.85 ? 1150 GLN A CA  1 
ATOM   63  C  C   . GLN A 1 11 ? 3.908   -6.827  11.764  1.00 38.37 ? 1150 GLN A C   1 
ATOM   64  O  O   . GLN A 1 11 ? 3.511   -5.700  11.490  1.00 38.13 ? 1150 GLN A O   1 
ATOM   65  C  CB  . GLN A 1 11 ? 2.593   -8.368  13.268  1.00 39.33 ? 1150 GLN A CB  1 
ATOM   66  C  CG  . GLN A 1 11 ? 2.582   -7.199  14.232  1.00 43.30 ? 1150 GLN A CG  1 
ATOM   67  C  CD  . GLN A 1 11 ? 1.195   -6.762  14.663  1.00 48.14 ? 1150 GLN A CD  1 
ATOM   68  O  OE1 . GLN A 1 11 ? 0.865   -6.806  15.858  1.00 50.28 ? 1150 GLN A OE1 1 
ATOM   69  N  NE2 . GLN A 1 11 ? 0.377   -6.332  13.703  1.00 49.61 ? 1150 GLN A NE2 1 
ATOM   70  N  N   . GLU A 1 12 ? 5.187   -7.092  12.025  1.00 38.36 ? 1151 GLU A N   1 
ATOM   71  C  CA  . GLU A 1 12 ? 6.198   -6.034  11.977  1.00 38.12 ? 1151 GLU A CA  1 
ATOM   72  C  C   . GLU A 1 12 ? 6.390   -5.509  10.552  1.00 38.14 ? 1151 GLU A C   1 
ATOM   73  O  O   . GLU A 1 12 ? 6.492   -4.304  10.352  1.00 38.27 ? 1151 GLU A O   1 
ATOM   74  C  CB  . GLU A 1 12 ? 7.520   -6.532  12.559  1.00 38.40 ? 1151 GLU A CB  1 
ATOM   75  C  CG  . GLU A 1 12 ? 8.641   -5.496  12.547  1.00 37.71 ? 1151 GLU A CG  1 
ATOM   76  C  CD  . GLU A 1 12 ? 9.802   -5.927  13.421  1.00 38.76 ? 1151 GLU A CD  1 
ATOM   77  O  OE1 . GLU A 1 12 ? 10.810  -6.400  12.860  1.00 38.10 ? 1151 GLU A OE1 1 
ATOM   78  O  OE2 . GLU A 1 12 ? 9.693   -5.804  14.662  1.00 37.02 ? 1151 GLU A OE2 1 
ATOM   79  N  N   . THR A 1 13 ? 6.420   -6.417  9.574   1.00 38.21 ? 1152 THR A N   1 
ATOM   80  C  CA  . THR A 1 13 ? 6.501   -6.043  8.155   1.00 38.54 ? 1152 THR A CA  1 
ATOM   81  C  C   . THR A 1 13 ? 5.355   -5.098  7.775   1.00 38.47 ? 1152 THR A C   1 
ATOM   82  O  O   . THR A 1 13 ? 5.582   -4.084  7.114   1.00 38.19 ? 1152 THR A O   1 
ATOM   83  C  CB  . THR A 1 13 ? 6.488   -7.294  7.248   1.00 38.87 ? 1152 THR A CB  1 
ATOM   84  O  OG1 . THR A 1 13 ? 7.695   -8.041  7.448   1.00 38.78 ? 1152 THR A OG1 1 
ATOM   85  C  CG2 . THR A 1 13 ? 6.368   -6.924  5.752   1.00 38.77 ? 1152 THR A CG2 1 
ATOM   86  N  N   . GLN A 1 14 ? 4.133   -5.420  8.204   1.00 38.51 ? 1153 GLN A N   1 
ATOM   87  C  CA  . GLN A 1 14 ? 2.974   -4.580  7.884   1.00 38.62 ? 1153 GLN A CA  1 
ATOM   88  C  C   . GLN A 1 14 ? 3.102   -3.200  8.513   1.00 38.93 ? 1153 GLN A C   1 
ATOM   89  O  O   . GLN A 1 14 ? 2.778   -2.193  7.874   1.00 39.19 ? 1153 GLN A O   1 
ATOM   90  C  CB  . GLN A 1 14 ? 1.672   -5.234  8.342   1.00 38.84 ? 1153 GLN A CB  1 
ATOM   91  C  CG  . GLN A 1 14 ? 1.246   -6.454  7.515   1.00 39.35 ? 1153 GLN A CG  1 
ATOM   92  C  CD  . GLN A 1 14 ? -0.125  -6.984  7.907   1.00 39.66 ? 1153 GLN A CD  1 
ATOM   93  O  OE1 . GLN A 1 14 ? -0.940  -6.268  8.497   1.00 41.00 ? 1153 GLN A OE1 1 
ATOM   94  N  NE2 . GLN A 1 14 ? -0.390  -8.245  7.572   1.00 40.08 ? 1153 GLN A NE2 1 
ATOM   95  N  N   . ILE A 1 15 ? 3.564   -3.155  9.767   1.00 38.35 ? 1154 ILE A N   1 
ATOM   96  C  CA  . ILE A 1 15 ? 3.767   -1.881  10.454  1.00 38.33 ? 1154 ILE A CA  1 
ATOM   97  C  C   . ILE A 1 15 ? 4.812   -1.028  9.742   1.00 38.02 ? 1154 ILE A C   1 
ATOM   98  O  O   . ILE A 1 15 ? 4.574   0.160   9.499   1.00 37.76 ? 1154 ILE A O   1 
ATOM   99  C  CB  . ILE A 1 15 ? 4.142   -2.059  11.944  1.00 38.49 ? 1154 ILE A CB  1 
ATOM   100 C  CG1 . ILE A 1 15 ? 2.962   -2.643  12.735  1.00 38.20 ? 1154 ILE A CG1 1 
ATOM   101 C  CG2 . ILE A 1 15 ? 4.584   -0.712  12.554  1.00 39.22 ? 1154 ILE A CG2 1 
ATOM   102 C  CD1 . ILE A 1 15 ? 3.353   -3.120  14.158  1.00 38.95 ? 1154 ILE A CD1 1 
ATOM   103 N  N   . VAL A 1 16 ? 5.954   -1.634  9.398   1.00 37.26 ? 1155 VAL A N   1 
ATOM   104 C  CA  . VAL A 1 16 ? 7.060   -0.907  8.750   1.00 36.52 ? 1155 VAL A CA  1 
ATOM   105 C  C   . VAL A 1 16 ? 6.640   -0.392  7.361   1.00 36.60 ? 1155 VAL A C   1 
ATOM   106 O  O   . VAL A 1 16 ? 6.869   0.776   7.023   1.00 35.95 ? 1155 VAL A O   1 
ATOM   107 C  CB  . VAL A 1 16 ? 8.360   -1.776  8.667   1.00 36.25 ? 1155 VAL A CB  1 
ATOM   108 C  CG1 . VAL A 1 16 ? 9.440   -1.073  7.849   1.00 36.33 ? 1155 VAL A CG1 1 
ATOM   109 C  CG2 . VAL A 1 16 ? 8.901   -2.080  10.084  1.00 34.56 ? 1155 VAL A CG2 1 
ATOM   110 N  N   . LEU A 1 17 ? 6.026   -1.269  6.570   1.00 36.94 ? 1156 LEU A N   1 
ATOM   111 C  CA  . LEU A 1 17 ? 5.566   -0.900  5.233   1.00 37.68 ? 1156 LEU A CA  1 
ATOM   112 C  C   . LEU A 1 17 ? 4.493   0.183   5.303   1.00 37.55 ? 1156 LEU A C   1 
ATOM   113 O  O   . LEU A 1 17 ? 4.505   1.118   4.506   1.00 38.26 ? 1156 LEU A O   1 
ATOM   114 C  CB  . LEU A 1 17 ? 5.026   -2.122  4.472   1.00 37.91 ? 1156 LEU A CB  1 
ATOM   115 C  CG  . LEU A 1 17 ? 5.166   -2.197  2.930   1.00 40.02 ? 1156 LEU A CG  1 
ATOM   116 C  CD1 . LEU A 1 17 ? 3.985   -2.935  2.307   1.00 39.95 ? 1156 LEU A CD1 1 
ATOM   117 C  CD2 . LEU A 1 17 ? 5.422   -0.872  2.201   1.00 37.63 ? 1156 LEU A CD2 1 
ATOM   118 N  N   . TYR A 1 18 ? 3.571   0.064   6.252   1.00 37.96 ? 1157 TYR A N   1 
ATOM   119 C  CA  . TYR A 1 18 ? 2.519   1.079   6.429   1.00 37.81 ? 1157 TYR A CA  1 
ATOM   120 C  C   . TYR A 1 18 ? 3.092   2.485   6.626   1.00 37.97 ? 1157 TYR A C   1 
ATOM   121 O  O   . TYR A 1 18 ? 2.610   3.442   6.010   1.00 38.09 ? 1157 TYR A O   1 
ATOM   122 C  CB  . TYR A 1 18 ? 1.605   0.724   7.597   1.00 38.32 ? 1157 TYR A CB  1 
ATOM   123 C  CG  . TYR A 1 18 ? 0.504   1.725   7.845   1.00 38.36 ? 1157 TYR A CG  1 
ATOM   124 C  CD1 . TYR A 1 18 ? -0.683  1.682   7.102   1.00 38.07 ? 1157 TYR A CD1 1 
ATOM   125 C  CD2 . TYR A 1 18 ? 0.639   2.708   8.817   1.00 38.10 ? 1157 TYR A CD2 1 
ATOM   126 C  CE1 . TYR A 1 18 ? -1.709  2.604   7.328   1.00 38.09 ? 1157 TYR A CE1 1 
ATOM   127 C  CE2 . TYR A 1 18 ? -0.389  3.636   9.060   1.00 39.25 ? 1157 TYR A CE2 1 
ATOM   128 C  CZ  . TYR A 1 18 ? -1.558  3.577   8.302   1.00 38.77 ? 1157 TYR A CZ  1 
ATOM   129 O  OH  . TYR A 1 18 ? -2.578  4.486   8.546   1.00 38.19 ? 1157 TYR A OH  1 
ATOM   130 N  N   . GLY A 1 19 ? 4.114   2.608   7.480   1.00 37.47 ? 1158 GLY A N   1 
ATOM   131 C  CA  . GLY A 1 19 ? 4.802   3.890   7.672   1.00 36.51 ? 1158 GLY A CA  1 
ATOM   132 C  C   . GLY A 1 19 ? 5.433   4.467   6.419   1.00 36.42 ? 1158 GLY A C   1 
ATOM   133 O  O   . GLY A 1 19 ? 5.366   5.674   6.184   1.00 36.04 ? 1158 GLY A O   1 
ATOM   134 N  N   . LYS A 1 20 ? 6.064   3.615   5.614   1.00 35.99 ? 1159 LYS A N   1 
ATOM   135 C  CA  . LYS A 1 20 ? 6.606   4.050   4.323   1.00 35.81 ? 1159 LYS A CA  1 
ATOM   136 C  C   . LYS A 1 20 ? 5.497   4.524   3.379   1.00 36.22 ? 1159 LYS A C   1 
ATOM   137 O  O   . LYS A 1 20 ? 5.691   5.479   2.615   1.00 36.15 ? 1159 LYS A O   1 
ATOM   138 C  CB  . LYS A 1 20 ? 7.430   2.939   3.669   1.00 35.61 ? 1159 LYS A CB  1 
ATOM   139 C  CG  . LYS A 1 20 ? 8.696   2.580   4.451   1.00 35.11 ? 1159 LYS A CG  1 
ATOM   140 C  CD  . LYS A 1 20 ? 9.514   1.528   3.730   1.00 34.35 ? 1159 LYS A CD  1 
ATOM   141 C  CE  . LYS A 1 20 ? 10.688  1.073   4.582   1.00 36.48 ? 1159 LYS A CE  1 
ATOM   142 N  NZ  . LYS A 1 20 ? 11.724  2.117   4.776   1.00 35.27 ? 1159 LYS A NZ  1 
ATOM   143 N  N   . LEU A 1 21 ? 4.340   3.871   3.443   1.00 36.39 ? 1160 LEU A N   1 
ATOM   144 C  CA  . LEU A 1 21 ? 3.191   4.274   2.609   1.00 37.13 ? 1160 LEU A CA  1 
ATOM   145 C  C   . LEU A 1 21 ? 2.590   5.605   3.064   1.00 37.24 ? 1160 LEU A C   1 
ATOM   146 O  O   . LEU A 1 21 ? 2.161   6.415   2.239   1.00 37.79 ? 1160 LEU A O   1 
ATOM   147 C  CB  . LEU A 1 21 ? 2.120   3.184   2.585   1.00 36.95 ? 1160 LEU A CB  1 
ATOM   148 C  CG  . LEU A 1 21 ? 2.521   1.870   1.893   1.00 37.73 ? 1160 LEU A CG  1 
ATOM   149 C  CD1 . LEU A 1 21 ? 1.411   0.843   2.049   1.00 37.41 ? 1160 LEU A CD1 1 
ATOM   150 C  CD2 . LEU A 1 21 ? 2.889   2.077   0.405   1.00 37.28 ? 1160 LEU A CD2 1 
ATOM   151 N  N   . VAL A 1 22 ? 2.557   5.826   4.374   1.00 36.79 ? 1161 VAL A N   1 
ATOM   152 C  CA  . VAL A 1 22 ? 2.092   7.107   4.923   1.00 36.98 ? 1161 VAL A CA  1 
ATOM   153 C  C   . VAL A 1 22 ? 2.981   8.243   4.428   1.00 36.96 ? 1161 VAL A C   1 
ATOM   154 O  O   . VAL A 1 22 ? 2.483   9.274   3.971   1.00 36.26 ? 1161 VAL A O   1 
ATOM   155 C  CB  . VAL A 1 22 ? 2.045   7.089   6.484   1.00 37.20 ? 1161 VAL A CB  1 
ATOM   156 C  CG1 . VAL A 1 22 ? 1.926   8.506   7.047   1.00 37.76 ? 1161 VAL A CG1 1 
ATOM   157 C  CG2 . VAL A 1 22 ? 0.887   6.210   6.975   1.00 36.60 ? 1161 VAL A CG2 1 
ATOM   158 N  N   . GLU A 1 23 ? 4.301   8.055   4.507   1.00 37.10 ? 1162 GLU A N   1 
ATOM   159 C  CA  . GLU A 1 23 ? 5.228   9.095   4.034   1.00 37.29 ? 1162 GLU A CA  1 
ATOM   160 C  C   . GLU A 1 23 ? 5.136   9.338   2.519   1.00 37.57 ? 1162 GLU A C   1 
ATOM   161 O  O   . GLU A 1 23 ? 5.206   10.492  2.055   1.00 37.43 ? 1162 GLU A O   1 
ATOM   162 C  CB  . GLU A 1 23 ? 6.670   8.782   4.464   1.00 37.74 ? 1162 GLU A CB  1 
ATOM   163 C  CG  . GLU A 1 23 ? 6.879   8.933   5.967   1.00 37.12 ? 1162 GLU A CG  1 
ATOM   164 C  CD  . GLU A 1 23 ? 8.324   9.186   6.351   1.00 38.81 ? 1162 GLU A CD  1 
ATOM   165 O  OE1 . GLU A 1 23 ? 9.228   8.518   5.799   1.00 38.90 ? 1162 GLU A OE1 1 
ATOM   166 O  OE2 . GLU A 1 23 ? 8.552   10.053  7.219   1.00 38.72 ? 1162 GLU A OE2 1 
ATOM   167 N  N   . ALA A 1 24 ? 4.976   8.261   1.753   1.00 37.66 ? 1163 ALA A N   1 
ATOM   168 C  CA  . ALA A 1 24 ? 4.827   8.374   0.295   1.00 37.97 ? 1163 ALA A CA  1 
ATOM   169 C  C   . ALA A 1 24 ? 3.526   9.083   -0.076  1.00 37.88 ? 1163 ALA A C   1 
ATOM   170 O  O   . ALA A 1 24 ? 3.505   9.914   -0.989  1.00 38.13 ? 1163 ALA A O   1 
ATOM   171 C  CB  . ALA A 1 24 ? 4.914   6.998   -0.370  1.00 38.17 ? 1163 ALA A CB  1 
ATOM   172 N  N   . ARG A 1 25 ? 2.452   8.773   0.649   1.00 37.69 ? 1164 ARG A N   1 
ATOM   173 C  CA  . ARG A 1 25 ? 1.174   9.455   0.463   1.00 38.13 ? 1164 ARG A CA  1 
ATOM   174 C  C   . ARG A 1 25 ? 1.293   10.953  0.754   1.00 38.47 ? 1164 ARG A C   1 
ATOM   175 O  O   . ARG A 1 25 ? 0.802   11.768  -0.018  1.00 38.39 ? 1164 ARG A O   1 
ATOM   176 C  CB  . ARG A 1 25 ? 0.085   8.818   1.328   1.00 37.83 ? 1164 ARG A CB  1 
ATOM   177 C  CG  . ARG A 1 25 ? -1.287  9.470   1.196   1.00 37.63 ? 1164 ARG A CG  1 
ATOM   178 C  CD  . ARG A 1 25 ? -2.288  8.864   2.152   1.00 38.34 ? 1164 ARG A CD  1 
ATOM   179 N  NE  . ARG A 1 25 ? -1.902  9.055   3.551   1.00 37.59 ? 1164 ARG A NE  1 
ATOM   180 C  CZ  . ARG A 1 25 ? -2.618  8.625   4.583   1.00 39.22 ? 1164 ARG A CZ  1 
ATOM   181 N  NH1 . ARG A 1 25 ? -3.769  7.987   4.373   1.00 37.89 ? 1164 ARG A NH1 1 
ATOM   182 N  NH2 . ARG A 1 25 ? -2.181  8.819   5.828   1.00 40.32 ? 1164 ARG A NH2 1 
ATOM   183 N  N   . GLN A 1 26 ? 1.957   11.306  1.859   1.00 38.78 ? 1165 GLN A N   1 
ATOM   184 C  CA  . GLN A 1 26 ? 2.147   12.711  2.215   1.00 39.53 ? 1165 GLN A CA  1 
ATOM   185 C  C   . GLN A 1 26 ? 2.924   13.472  1.132   1.00 39.65 ? 1165 GLN A C   1 
ATOM   186 O  O   . GLN A 1 26 ? 2.523   14.563  0.740   1.00 38.95 ? 1165 GLN A O   1 
ATOM   187 C  CB  . GLN A 1 26 ? 2.827   12.866  3.581   1.00 39.53 ? 1165 GLN A CB  1 
ATOM   188 C  CG  . GLN A 1 26 ? 2.814   14.322  4.122   1.00 41.44 ? 1165 GLN A CG  1 
ATOM   189 C  CD  . GLN A 1 26 ? 1.422   14.805  4.506   1.00 44.56 ? 1165 GLN A CD  1 
ATOM   190 O  OE1 . GLN A 1 26 ? 0.889   15.761  3.920   1.00 46.76 ? 1165 GLN A OE1 1 
ATOM   191 N  NE2 . GLN A 1 26 ? 0.816   14.137  5.481   1.00 45.57 ? 1165 GLN A NE2 1 
ATOM   192 N  N   . LYS A 1 27 ? 4.018   12.878  0.658   1.00 40.06 ? 1166 LYS A N   1 
ATOM   193 C  CA  . LYS A 1 27 ? 4.855   13.463  -0.396  1.00 40.98 ? 1166 LYS A CA  1 
ATOM   194 C  C   . LYS A 1 27 ? 4.051   13.728  -1.672  1.00 41.39 ? 1166 LYS A C   1 
ATOM   195 O  O   . LYS A 1 27 ? 4.088   14.833  -2.220  1.00 41.51 ? 1166 LYS A O   1 
ATOM   196 C  CB  . LYS A 1 27 ? 6.044   12.536  -0.689  1.00 40.65 ? 1166 LYS A CB  1 
ATOM   197 C  CG  . LYS A 1 27 ? 7.060   13.046  -1.725  1.00 41.13 ? 1166 LYS A CG  1 
ATOM   198 C  CD  . LYS A 1 27 ? 8.187   12.031  -1.919  1.00 41.46 ? 1166 LYS A CD  1 
ATOM   199 C  CE  . LYS A 1 27 ? 9.174   12.468  -2.994  1.00 43.92 ? 1166 LYS A CE  1 
ATOM   200 N  NZ  . LYS A 1 27 ? 10.394  11.594  -2.994  1.00 45.44 ? 1166 LYS A NZ  1 
ATOM   201 N  N   . HIS A 1 28 ? 3.321   12.710  -2.124  1.00 42.25 ? 1167 HIS A N   1 
ATOM   202 C  CA  . HIS A 1 28 ? 2.547   12.768  -3.360  1.00 43.18 ? 1167 HIS A CA  1 
ATOM   203 C  C   . HIS A 1 28 ? 1.330   13.699  -3.259  1.00 43.43 ? 1167 HIS A C   1 
ATOM   204 O  O   . HIS A 1 28 ? 0.973   14.379  -4.233  1.00 43.07 ? 1167 HIS A O   1 
ATOM   205 C  CB  . HIS A 1 28 ? 2.126   11.358  -3.785  1.00 43.67 ? 1167 HIS A CB  1 
ATOM   206 C  CG  . HIS A 1 28 ? 1.797   11.240  -5.240  1.00 44.97 ? 1167 HIS A CG  1 
ATOM   207 N  ND1 . HIS A 1 28 ? 2.746   11.374  -6.232  1.00 46.63 ? 1167 HIS A ND1 1 
ATOM   208 C  CD2 . HIS A 1 28 ? 0.623   11.004  -5.874  1.00 46.49 ? 1167 HIS A CD2 1 
ATOM   209 C  CE1 . HIS A 1 28 ? 2.169   11.236  -7.413  1.00 46.37 ? 1167 HIS A CE1 1 
ATOM   210 N  NE2 . HIS A 1 28 ? 0.883   11.005  -7.224  1.00 45.53 ? 1167 HIS A NE2 1 
ATOM   211 N  N   . ALA A 1 29 ? 0.703   13.730  -2.084  1.00 43.52 ? 1168 ALA A N   1 
ATOM   212 C  CA  . ALA A 1 29 ? -0.407  14.644  -1.829  1.00 44.04 ? 1168 ALA A CA  1 
ATOM   213 C  C   . ALA A 1 29 ? 0.066   16.100  -1.779  1.00 44.65 ? 1168 ALA A C   1 
ATOM   214 O  O   . ALA A 1 29 ? -0.614  16.995  -2.308  1.00 44.13 ? 1168 ALA A O   1 
ATOM   215 C  CB  . ALA A 1 29 ? -1.149  14.271  -0.553  1.00 43.78 ? 1168 ALA A CB  1 
ATOM   216 N  N   . ASN A 1 30 ? 1.226   16.330  -1.158  1.00 45.00 ? 1169 ASN A N   1 
ATOM   217 C  CA  . ASN A 1 30 ? 1.844   17.663  -1.134  1.00 46.05 ? 1169 ASN A CA  1 
ATOM   218 C  C   . ASN A 1 30 ? 2.192   18.165  -2.537  1.00 46.50 ? 1169 ASN A C   1 
ATOM   219 O  O   . ASN A 1 30 ? 2.089   19.365  -2.817  1.00 46.63 ? 1169 ASN A O   1 
ATOM   220 C  CB  . ASN A 1 30 ? 3.095   17.685  -0.242  1.00 46.10 ? 1169 ASN A CB  1 
ATOM   221 C  CG  . ASN A 1 30 ? 2.766   17.677  1.252   1.00 47.04 ? 1169 ASN A CG  1 
ATOM   222 O  OD1 . ASN A 1 30 ? 3.652   17.492  2.086   1.00 49.78 ? 1169 ASN A OD1 1 
ATOM   223 N  ND2 . ASN A 1 30 ? 1.494   17.869  1.595   1.00 47.79 ? 1169 ASN A ND2 1 
ATOM   224 N  N   . LYS A 1 31 ? 2.605   17.243  -3.407  1.00 46.92 ? 1170 LYS A N   1 
ATOM   225 C  CA  . LYS A 1 31 ? 2.908   17.563  -4.802  1.00 47.50 ? 1170 LYS A CA  1 
ATOM   226 C  C   . LYS A 1 31 ? 1.652   17.920  -5.611  1.00 47.49 ? 1170 LYS A C   1 
ATOM   227 O  O   . LYS A 1 31 ? 1.665   18.868  -6.402  1.00 47.88 ? 1170 LYS A O   1 
ATOM   228 C  CB  . LYS A 1 31 ? 3.661   16.410  -5.467  1.00 47.61 ? 1170 LYS A CB  1 
ATOM   229 C  CG  . LYS A 1 31 ? 5.127   16.329  -5.074  1.00 48.86 ? 1170 LYS A CG  1 
ATOM   230 C  CD  . LYS A 1 31 ? 5.855   15.226  -5.831  1.00 50.84 ? 1170 LYS A CD  1 
ATOM   231 C  CE  . LYS A 1 31 ? 7.322   15.159  -5.430  1.00 51.85 ? 1170 LYS A CE  1 
ATOM   232 N  NZ  . LYS A 1 31 ? 8.040   14.041  -6.108  1.00 52.76 ? 1170 LYS A NZ  1 
ATOM   233 N  N   . MET A 1 32 ? 0.582   17.153  -5.408  1.00 47.30 ? 1171 MET A N   1 
ATOM   234 C  CA  . MET A 1 32 ? -0.698  17.376  -6.073  1.00 48.01 ? 1171 MET A CA  1 
ATOM   235 C  C   . MET A 1 32 ? -1.475  18.516  -5.413  1.00 46.86 ? 1171 MET A C   1 
ATOM   236 O  O   . MET A 1 32 ? -2.518  18.934  -5.920  1.00 46.96 ? 1171 MET A O   1 
ATOM   237 C  CB  . MET A 1 32 ? -1.560  16.109  -6.020  1.00 47.62 ? 1171 MET A CB  1 
ATOM   238 C  CG  . MET A 1 32 ? -1.056  14.913  -6.802  1.00 47.95 ? 1171 MET A CG  1 
ATOM   239 S  SD  . MET A 1 32 ? -1.928  13.431  -6.222  1.00 51.91 ? 1171 MET A SD  1 
ATOM   240 C  CE  . MET A 1 32 ? -3.478  13.612  -7.118  1.00 50.97 ? 1171 MET A CE  1 
ATOM   241 N  N   . ASP A 1 33 ? -0.960  19.006  -4.283  1.00 45.95 ? 1172 ASP A N   1 
ATOM   242 C  CA  . ASP A 1 33 ? -1.658  19.964  -3.418  1.00 44.93 ? 1172 ASP A CA  1 
ATOM   243 C  C   . ASP A 1 33 ? -3.072  19.483  -3.068  1.00 44.27 ? 1172 ASP A C   1 
ATOM   244 O  O   . ASP A 1 33 ? -4.062  20.201  -3.264  1.00 43.40 ? 1172 ASP A O   1 
ATOM   245 C  CB  . ASP A 1 33 ? -1.689  21.369  -4.046  1.00 45.19 ? 1172 ASP A CB  1 
ATOM   246 C  CG  . ASP A 1 33 ? -2.197  22.436  -3.079  1.00 45.56 ? 1172 ASP A CG  1 
ATOM   247 O  OD1 . ASP A 1 33 ? -2.971  23.321  -3.516  1.00 45.48 ? 1172 ASP A OD1 1 
ATOM   248 O  OD2 . ASP A 1 33 ? -1.836  22.379  -1.879  1.00 45.21 ? 1172 ASP A OD2 1 
ATOM   249 N  N   . VAL A 1 34 ? -3.165  18.252  -2.572  1.00 43.12 ? 1173 VAL A N   1 
ATOM   250 C  CA  . VAL A 1 34 ? -4.446  17.697  -2.126  1.00 42.51 ? 1173 VAL A CA  1 
ATOM   251 C  C   . VAL A 1 34 ? -4.269  17.136  -0.714  1.00 41.90 ? 1173 VAL A C   1 
ATOM   252 O  O   . VAL A 1 34 ? -3.149  16.808  -0.324  1.00 41.83 ? 1173 VAL A O   1 
ATOM   253 C  CB  . VAL A 1 34 ? -4.993  16.599  -3.099  1.00 42.53 ? 1173 VAL A CB  1 
ATOM   254 C  CG1 . VAL A 1 34 ? -5.075  17.126  -4.535  1.00 43.39 ? 1173 VAL A CG1 1 
ATOM   255 C  CG2 . VAL A 1 34 ? -4.145  15.324  -3.053  1.00 43.26 ? 1173 VAL A CG2 1 
ATOM   256 N  N   . PRO A 1 35 ? -5.359  17.056  0.070   1.00 41.41 ? 1174 PRO A N   1 
ATOM   257 C  CA  . PRO A 1 35 ? -5.250  16.384  1.366   1.00 41.11 ? 1174 PRO A CA  1 
ATOM   258 C  C   . PRO A 1 35 ? -4.875  14.904  1.192   1.00 40.78 ? 1174 PRO A C   1 
ATOM   259 O  O   . PRO A 1 35 ? -5.365  14.260  0.259   1.00 40.25 ? 1174 PRO A O   1 
ATOM   260 C  CB  . PRO A 1 35 ? -6.656  16.529  1.958   1.00 41.00 ? 1174 PRO A CB  1 
ATOM   261 C  CG  . PRO A 1 35 ? -7.286  17.673  1.201   1.00 41.15 ? 1174 PRO A CG  1 
ATOM   262 C  CD  . PRO A 1 35 ? -6.715  17.591  -0.167  1.00 41.38 ? 1174 PRO A CD  1 
ATOM   263 N  N   . PRO A 1 36 ? -3.985  14.372  2.063   1.00 40.67 ? 1175 PRO A N   1 
ATOM   264 C  CA  . PRO A 1 36 ? -3.554  12.971  1.956   1.00 40.39 ? 1175 PRO A CA  1 
ATOM   265 C  C   . PRO A 1 36 ? -4.697  11.975  1.764   1.00 40.15 ? 1175 PRO A C   1 
ATOM   266 O  O   . PRO A 1 36 ? -4.580  11.067  0.936   1.00 39.95 ? 1175 PRO A O   1 
ATOM   267 C  CB  . PRO A 1 36 ? -2.843  12.721  3.291   1.00 40.84 ? 1175 PRO A CB  1 
ATOM   268 C  CG  . PRO A 1 36 ? -2.308  14.053  3.664   1.00 41.57 ? 1175 PRO A CG  1 
ATOM   269 C  CD  . PRO A 1 36 ? -3.313  15.063  3.183   1.00 40.64 ? 1175 PRO A CD  1 
ATOM   270 N  N   . ALA A 1 37 ? -5.790  12.150  2.508   1.00 39.70 ? 1176 ALA A N   1 
ATOM   271 C  CA  . ALA A 1 37 ? -6.929  11.224  2.470   1.00 39.94 ? 1176 ALA A CA  1 
ATOM   272 C  C   . ALA A 1 37 ? -7.664  11.193  1.119   1.00 40.38 ? 1176 ALA A C   1 
ATOM   273 O  O   . ALA A 1 37 ? -8.362  10.222  0.807   1.00 40.53 ? 1176 ALA A O   1 
ATOM   274 C  CB  . ALA A 1 37 ? -7.905  11.552  3.589   1.00 40.27 ? 1176 ALA A CB  1 
ATOM   275 N  N   . ILE A 1 38 ? -7.506  12.254  0.328   1.00 40.07 ? 1177 ILE A N   1 
ATOM   276 C  CA  . ILE A 1 38 ? -8.066  12.317  -1.030  1.00 40.60 ? 1177 ILE A CA  1 
ATOM   277 C  C   . ILE A 1 38 ? -7.315  11.361  -1.967  1.00 40.17 ? 1177 ILE A C   1 
ATOM   278 O  O   . ILE A 1 38 ? -7.910  10.755  -2.867  1.00 39.97 ? 1177 ILE A O   1 
ATOM   279 C  CB  . ILE A 1 38 ? -8.073  13.778  -1.570  1.00 40.62 ? 1177 ILE A CB  1 
ATOM   280 C  CG1 . ILE A 1 38 ? -9.131  14.619  -0.836  1.00 42.36 ? 1177 ILE A CG1 1 
ATOM   281 C  CG2 . ILE A 1 38 ? -8.305  13.831  -3.088  1.00 41.64 ? 1177 ILE A CG2 1 
ATOM   282 C  CD1 . ILE A 1 38 ? -10.585 14.411  -1.302  1.00 43.47 ? 1177 ILE A CD1 1 
ATOM   283 N  N   . LEU A 1 39 ? -6.009  11.218  -1.736  1.00 39.73 ? 1178 LEU A N   1 
ATOM   284 C  CA  . LEU A 1 39 ? -5.201  10.246  -2.467  1.00 39.76 ? 1178 LEU A CA  1 
ATOM   285 C  C   . LEU A 1 39 ? -5.475  8.807   -2.020  1.00 39.34 ? 1178 LEU A C   1 
ATOM   286 O  O   . LEU A 1 39 ? -5.695  7.931   -2.850  1.00 39.31 ? 1178 LEU A O   1 
ATOM   287 C  CB  . LEU A 1 39 ? -3.713  10.581  -2.345  1.00 39.71 ? 1178 LEU A CB  1 
ATOM   288 C  CG  . LEU A 1 39 ? -2.684  9.617   -2.943  1.00 40.71 ? 1178 LEU A CG  1 
ATOM   289 C  CD1 . LEU A 1 39 ? -2.946  9.344   -4.414  1.00 41.99 ? 1178 LEU A CD1 1 
ATOM   290 C  CD2 . LEU A 1 39 ? -1.281  10.175  -2.757  1.00 40.74 ? 1178 LEU A CD2 1 
ATOM   291 N  N   . ALA A 1 40 ? -5.439  8.570   -0.713  1.00 38.92 ? 1179 ALA A N   1 
ATOM   292 C  CA  . ALA A 1 40 ? -5.744  7.267   -0.147  1.00 38.93 ? 1179 ALA A CA  1 
ATOM   293 C  C   . ALA A 1 40 ? -6.090  7.435   1.317   1.00 39.08 ? 1179 ALA A C   1 
ATOM   294 O  O   . ALA A 1 40 ? -5.389  8.115   2.065   1.00 38.50 ? 1179 ALA A O   1 
ATOM   295 C  CB  . ALA A 1 40 ? -4.551  6.320   -0.291  1.00 39.00 ? 1179 ALA A CB  1 
ATOM   296 N  N   . THR A 1 41 ? -7.170  6.799   1.731   1.00 38.99 ? 1180 THR A N   1 
ATOM   297 C  CA  . THR A 1 41 ? -7.536  6.800   3.137   1.00 39.27 ? 1180 THR A CA  1 
ATOM   298 C  C   . THR A 1 41 ? -6.587  5.903   3.924   1.00 39.16 ? 1180 THR A C   1 
ATOM   299 O  O   . THR A 1 41 ? -5.869  5.083   3.340   1.00 38.48 ? 1180 THR A O   1 
ATOM   300 C  CB  . THR A 1 41 ? -8.960  6.304   3.321   1.00 39.71 ? 1180 THR A CB  1 
ATOM   301 O  OG1 . THR A 1 41 ? -9.339  6.467   4.695   1.00 44.26 ? 1180 THR A OG1 1 
ATOM   302 C  CG2 . THR A 1 41 ? -9.060  4.857   2.948   1.00 37.67 ? 1180 THR A CG2 1 
ATOM   303 N  N   . ASN A 1 42 ? -6.575  6.056   5.245   1.00 38.88 ? 1181 ASN A N   1 
ATOM   304 C  CA  . ASN A 1 42 ? -5.769  5.173   6.083   1.00 38.85 ? 1181 ASN A CA  1 
ATOM   305 C  C   . ASN A 1 42 ? -6.158  3.709   5.862   1.00 38.92 ? 1181 ASN A C   1 
ATOM   306 O  O   . ASN A 1 42 ? -5.294  2.841   5.769   1.00 38.60 ? 1181 ASN A O   1 
ATOM   307 C  CB  . ASN A 1 42 ? -5.913  5.557   7.558   1.00 39.15 ? 1181 ASN A CB  1 
ATOM   308 C  CG  . ASN A 1 42 ? -5.247  6.888   7.893   1.00 38.61 ? 1181 ASN A CG  1 
ATOM   309 O  OD1 . ASN A 1 42 ? -4.493  7.447   7.092   1.00 36.74 ? 1181 ASN A OD1 1 
ATOM   310 N  ND2 . ASN A 1 42 ? -5.527  7.398   9.093   1.00 39.29 ? 1181 ASN A ND2 1 
ATOM   311 N  N   . LYS A 1 43 ? -7.463  3.459   5.731   1.00 39.00 ? 1182 LYS A N   1 
ATOM   312 C  CA  . LYS A 1 43 ? -7.992  2.114   5.459   1.00 39.26 ? 1182 LYS A CA  1 
ATOM   313 C  C   . LYS A 1 43 ? -7.405  1.488   4.185   1.00 38.73 ? 1182 LYS A C   1 
ATOM   314 O  O   . LYS A 1 43 ? -7.022  0.322   4.185   1.00 38.81 ? 1182 LYS A O   1 
ATOM   315 C  CB  . LYS A 1 43 ? -9.518  2.152   5.377   1.00 39.31 ? 1182 LYS A CB  1 
ATOM   316 C  CG  . LYS A 1 43 ? -10.201 0.790   5.402   1.00 40.18 ? 1182 LYS A CG  1 
ATOM   317 C  CD  . LYS A 1 43 ? -11.725 0.951   5.397   1.00 40.15 ? 1182 LYS A CD  1 
ATOM   318 C  CE  . LYS A 1 43 ? -12.293 1.097   3.987   1.00 41.86 ? 1182 LYS A CE  1 
ATOM   319 N  NZ  . LYS A 1 43 ? -12.471 -0.228  3.327   1.00 42.67 ? 1182 LYS A NZ  1 
ATOM   320 N  N   . ILE A 1 44 ? -7.329  2.263   3.108   1.00 38.02 ? 1183 ILE A N   1 
ATOM   321 C  CA  . ILE A 1 44 ? -6.689  1.795   1.876   1.00 37.35 ? 1183 ILE A CA  1 
ATOM   322 C  C   . ILE A 1 44 ? -5.213  1.438   2.140   1.00 37.54 ? 1183 ILE A C   1 
ATOM   323 O  O   . ILE A 1 44 ? -4.746  0.382   1.725   1.00 36.93 ? 1183 ILE A O   1 
ATOM   324 C  CB  . ILE A 1 44 ? -6.870  2.823   0.722   1.00 37.52 ? 1183 ILE A CB  1 
ATOM   325 C  CG1 . ILE A 1 44 ? -8.299  2.722   0.165   1.00 36.67 ? 1183 ILE A CG1 1 
ATOM   326 C  CG2 . ILE A 1 44 ? -5.846  2.597   -0.396  1.00 38.06 ? 1183 ILE A CG2 1 
ATOM   327 C  CD1 . ILE A 1 44 ? -8.769  3.938   -0.645  1.00 36.88 ? 1183 ILE A CD1 1 
ATOM   328 N  N   . LEU A 1 45 ? -4.500  2.309   2.853   1.00 37.24 ? 1184 LEU A N   1 
ATOM   329 C  CA  . LEU A 1 45 ? -3.099  2.060   3.173   1.00 37.94 ? 1184 LEU A CA  1 
ATOM   330 C  C   . LEU A 1 45 ? -2.894  0.789   3.997   1.00 37.61 ? 1184 LEU A C   1 
ATOM   331 O  O   . LEU A 1 45 ? -1.970  0.032   3.725   1.00 37.36 ? 1184 LEU A O   1 
ATOM   332 C  CB  . LEU A 1 45 ? -2.487  3.264   3.895   1.00 38.19 ? 1184 LEU A CB  1 
ATOM   333 C  CG  . LEU A 1 45 ? -1.572  4.223   3.119   1.00 39.70 ? 1184 LEU A CG  1 
ATOM   334 C  CD1 . LEU A 1 45 ? -1.959  4.458   1.663   1.00 38.10 ? 1184 LEU A CD1 1 
ATOM   335 C  CD2 . LEU A 1 45 ? -1.366  5.535   3.865   1.00 37.74 ? 1184 LEU A CD2 1 
ATOM   336 N  N   . VAL A 1 46 ? -3.763  0.559   4.984   1.00 37.96 ? 1185 VAL A N   1 
ATOM   337 C  CA  . VAL A 1 46 ? -3.726  -0.676  5.793   1.00 38.44 ? 1185 VAL A CA  1 
ATOM   338 C  C   . VAL A 1 46 ? -3.874  -1.889  4.887   1.00 38.51 ? 1185 VAL A C   1 
ATOM   339 O  O   . VAL A 1 46 ? -3.141  -2.871  5.020   1.00 38.30 ? 1185 VAL A O   1 
ATOM   340 C  CB  . VAL A 1 46 ? -4.841  -0.685  6.880   1.00 38.79 ? 1185 VAL A CB  1 
ATOM   341 C  CG1 . VAL A 1 46 ? -5.029  -2.083  7.488   1.00 39.69 ? 1185 VAL A CG1 1 
ATOM   342 C  CG2 . VAL A 1 46 ? -4.536  0.335   7.971   1.00 38.61 ? 1185 VAL A CG2 1 
ATOM   343 N  N   . ASP A 1 47 ? -4.821  -1.813  3.953   1.00 38.28 ? 1186 ASP A N   1 
ATOM   344 C  CA  . ASP A 1 47 ? -5.038  -2.895  3.012   1.00 38.44 ? 1186 ASP A CA  1 
ATOM   345 C  C   . ASP A 1 47 ? -3.833  -3.101  2.107   1.00 38.16 ? 1186 ASP A C   1 
ATOM   346 O  O   . ASP A 1 47 ? -3.492  -4.230  1.772   1.00 38.10 ? 1186 ASP A O   1 
ATOM   347 C  CB  . ASP A 1 47 ? -6.307  -2.647  2.183   1.00 38.68 ? 1186 ASP A CB  1 
ATOM   348 C  CG  . ASP A 1 47 ? -7.580  -2.943  2.962   1.00 39.41 ? 1186 ASP A CG  1 
ATOM   349 O  OD1 . ASP A 1 47 ? -7.480  -3.372  4.135   1.00 41.30 ? 1186 ASP A OD1 1 
ATOM   350 O  OD2 . ASP A 1 47 ? -8.680  -2.744  2.406   1.00 39.34 ? 1186 ASP A OD2 1 
ATOM   351 N  N   . MET A 1 48 ? -3.194  -2.003  1.715   1.00 38.29 ? 1187 MET A N   1 
ATOM   352 C  CA  . MET A 1 48 ? -2.027  -2.067  0.839   1.00 38.67 ? 1187 MET A CA  1 
ATOM   353 C  C   . MET A 1 48 ? -0.820  -2.674  1.563   1.00 38.53 ? 1187 MET A C   1 
ATOM   354 O  O   . MET A 1 48 ? -0.022  -3.379  0.950   1.00 38.77 ? 1187 MET A O   1 
ATOM   355 C  CB  . MET A 1 48 ? -1.692  -0.681  0.277   1.00 38.32 ? 1187 MET A CB  1 
ATOM   356 C  CG  . MET A 1 48 ? -2.697  -0.177  -0.768  1.00 38.72 ? 1187 MET A CG  1 
ATOM   357 S  SD  . MET A 1 48 ? -2.350  1.491   -1.356  1.00 39.58 ? 1187 MET A SD  1 
ATOM   358 C  CE  . MET A 1 48 ? -1.022  1.175   -2.514  1.00 37.21 ? 1187 MET A CE  1 
ATOM   359 N  N   . ALA A 1 49 ? -0.696  -2.395  2.862   1.00 38.71 ? 1188 ALA A N   1 
ATOM   360 C  CA  . ALA A 1 49 ? 0.378   -2.974  3.683   1.00 39.10 ? 1188 ALA A CA  1 
ATOM   361 C  C   . ALA A 1 49 ? 0.188   -4.475  3.938   1.00 39.49 ? 1188 ALA A C   1 
ATOM   362 O  O   . ALA A 1 49 ? 1.162   -5.207  4.131   1.00 39.56 ? 1188 ALA A O   1 
ATOM   363 C  CB  . ALA A 1 49 ? 0.502   -2.222  5.004   1.00 38.74 ? 1188 ALA A CB  1 
ATOM   364 N  N   . LYS A 1 50 ? -1.064  -4.921  3.926   1.00 40.31 ? 1189 LYS A N   1 
ATOM   365 C  CA  . LYS A 1 50 ? -1.428  -6.314  4.177   1.00 41.39 ? 1189 LYS A CA  1 
ATOM   366 C  C   . LYS A 1 50 ? -1.421  -7.149  2.892   1.00 41.66 ? 1189 LYS A C   1 
ATOM   367 O  O   . LYS A 1 50 ? -0.880  -8.257  2.862   1.00 41.53 ? 1189 LYS A O   1 
ATOM   368 C  CB  . LYS A 1 50 ? -2.811  -6.344  4.830   1.00 41.27 ? 1189 LYS A CB  1 
ATOM   369 C  CG  . LYS A 1 50 ? -3.332  -7.713  5.228   1.00 42.53 ? 1189 LYS A CG  1 
ATOM   370 C  CD  . LYS A 1 50 ? -4.837  -7.666  5.558   1.00 43.03 ? 1189 LYS A CD  1 
ATOM   371 C  CE  . LYS A 1 50 ? -5.138  -7.067  6.946   1.00 45.35 ? 1189 LYS A CE  1 
ATOM   372 N  NZ  . LYS A 1 50 ? -4.742  -5.631  7.106   1.00 45.54 ? 1189 LYS A NZ  1 
ATOM   373 N  N   . MET A 1 51 ? -2.026  -6.616  1.830   1.00 41.87 ? 1190 MET A N   1 
ATOM   374 C  CA  . MET A 1 51 ? -2.128  -7.347  0.566   1.00 42.65 ? 1190 MET A CA  1 
ATOM   375 C  C   . MET A 1 51 ? -0.924  -7.139  -0.356  1.00 41.45 ? 1190 MET A C   1 
ATOM   376 O  O   . MET A 1 51 ? -0.632  -7.989  -1.194  1.00 41.42 ? 1190 MET A O   1 
ATOM   377 C  CB  . MET A 1 51 ? -3.454  -7.036  -0.143  1.00 42.65 ? 1190 MET A CB  1 
ATOM   378 C  CG  . MET A 1 51 ? -4.668  -7.588  0.600   1.00 43.44 ? 1190 MET A CG  1 
ATOM   379 S  SD  . MET A 1 51 ? -6.256  -6.839  0.164   1.00 46.94 ? 1190 MET A SD  1 
ATOM   380 C  CE  . MET A 1 51 ? -6.830  -6.465  1.832   1.00 45.30 ? 1190 MET A CE  1 
ATOM   381 N  N   . ARG A 1 52 ? -0.218  -6.023  -0.174  1.00 40.86 ? 1191 ARG A N   1 
ATOM   382 C  CA  . ARG A 1 52 ? 0.994   -5.698  -0.943  1.00 40.36 ? 1191 ARG A CA  1 
ATOM   383 C  C   . ARG A 1 52 ? 0.844   -5.834  -2.461  1.00 40.00 ? 1191 ARG A C   1 
ATOM   384 O  O   . ARG A 1 52 ? 1.528   -6.652  -3.076  1.00 39.88 ? 1191 ARG A O   1 
ATOM   385 C  CB  . ARG A 1 52 ? 2.199   -6.520  -0.470  1.00 40.38 ? 1191 ARG A CB  1 
ATOM   386 C  CG  . ARG A 1 52 ? 3.061   -5.824  0.560   1.00 40.52 ? 1191 ARG A CG  1 
ATOM   387 C  CD  . ARG A 1 52 ? 2.878   -6.403  1.927   1.00 40.80 ? 1191 ARG A CD  1 
ATOM   388 N  NE  . ARG A 1 52 ? 3.356   -7.784  2.058   1.00 39.02 ? 1191 ARG A NE  1 
ATOM   389 C  CZ  . ARG A 1 52 ? 3.231   -8.492  3.176   1.00 40.03 ? 1191 ARG A CZ  1 
ATOM   390 N  NH1 . ARG A 1 52 ? 2.663   -7.936  4.237   1.00 39.40 ? 1191 ARG A NH1 1 
ATOM   391 N  NH2 . ARG A 1 52 ? 3.678   -9.740  3.244   1.00 39.50 ? 1191 ARG A NH2 1 
ATOM   392 N  N   . PRO A 1 53 ? -0.046  -5.032  -3.070  1.00 39.77 ? 1192 PRO A N   1 
ATOM   393 C  CA  . PRO A 1 53 ? -0.138  -5.065  -4.531  1.00 39.51 ? 1192 PRO A CA  1 
ATOM   394 C  C   . PRO A 1 53 ? 1.080   -4.393  -5.167  1.00 39.43 ? 1192 PRO A C   1 
ATOM   395 O  O   . PRO A 1 53 ? 1.539   -3.356  -4.680  1.00 39.23 ? 1192 PRO A O   1 
ATOM   396 C  CB  . PRO A 1 53 ? -1.403  -4.256  -4.811  1.00 39.68 ? 1192 PRO A CB  1 
ATOM   397 C  CG  . PRO A 1 53 ? -1.476  -3.287  -3.669  1.00 39.38 ? 1192 PRO A CG  1 
ATOM   398 C  CD  . PRO A 1 53 ? -0.997  -4.070  -2.481  1.00 39.64 ? 1192 PRO A CD  1 
ATOM   399 N  N   . THR A 1 54 ? 1.603   -4.982  -6.238  1.00 39.58 ? 1193 THR A N   1 
ATOM   400 C  CA  . THR A 1 54 ? 2.760   -4.406  -6.933  1.00 39.82 ? 1193 THR A CA  1 
ATOM   401 C  C   . THR A 1 54 ? 2.428   -3.957  -8.356  1.00 39.93 ? 1193 THR A C   1 
ATOM   402 O  O   . THR A 1 54 ? 3.241   -3.306  -9.019  1.00 40.13 ? 1193 THR A O   1 
ATOM   403 C  CB  . THR A 1 54 ? 3.952   -5.378  -6.964  1.00 39.69 ? 1193 THR A CB  1 
ATOM   404 O  OG1 . THR A 1 54 ? 3.548   -6.612  -7.573  1.00 40.13 ? 1193 THR A OG1 1 
ATOM   405 C  CG2 . THR A 1 54 ? 4.471   -5.639  -5.544  1.00 40.13 ? 1193 THR A CG2 1 
ATOM   406 N  N   . THR A 1 55 ? 1.234   -4.315  -8.818  1.00 39.73 ? 1194 THR A N   1 
ATOM   407 C  CA  . THR A 1 55 ? 0.771   -3.928  -10.145 1.00 39.49 ? 1194 THR A CA  1 
ATOM   408 C  C   . THR A 1 55 ? -0.442  -3.011  -10.035 1.00 39.64 ? 1194 THR A C   1 
ATOM   409 O  O   . THR A 1 55 ? -1.082  -2.934  -8.979  1.00 39.22 ? 1194 THR A O   1 
ATOM   410 C  CB  . THR A 1 55 ? 0.395   -5.160  -10.992 1.00 39.33 ? 1194 THR A CB  1 
ATOM   411 O  OG1 . THR A 1 55 ? -0.679  -5.869  -10.363 1.00 38.35 ? 1194 THR A OG1 1 
ATOM   412 C  CG2 . THR A 1 55 ? 1.591   -6.090  -11.159 1.00 39.69 ? 1194 THR A CG2 1 
ATOM   413 N  N   . VAL A 1 56 ? -0.751  -2.313  -11.127 1.00 39.84 ? 1195 VAL A N   1 
ATOM   414 C  CA  . VAL A 1 56 ? -1.948  -1.483  -11.196 1.00 40.26 ? 1195 VAL A CA  1 
ATOM   415 C  C   . VAL A 1 56 ? -3.205  -2.351  -11.132 1.00 40.24 ? 1195 VAL A C   1 
ATOM   416 O  O   . VAL A 1 56 ? -4.175  -1.997  -10.459 1.00 40.40 ? 1195 VAL A O   1 
ATOM   417 C  CB  . VAL A 1 56 ? -1.928  -0.540  -12.444 1.00 40.27 ? 1195 VAL A CB  1 
ATOM   418 C  CG1 . VAL A 1 56 ? -3.330  -0.289  -13.008 1.00 40.39 ? 1195 VAL A CG1 1 
ATOM   419 C  CG2 . VAL A 1 56 ? -1.255  0.779   -12.077 1.00 41.17 ? 1195 VAL A CG2 1 
ATOM   420 N  N   . GLU A 1 57 ? -3.171  -3.497  -11.808 1.00 40.16 ? 1196 GLU A N   1 
ATOM   421 C  CA  . GLU A 1 57 ? -4.298  -4.428  -11.813 1.00 40.12 ? 1196 GLU A CA  1 
ATOM   422 C  C   . GLU A 1 57 ? -4.614  -4.951  -10.407 1.00 39.99 ? 1196 GLU A C   1 
ATOM   423 O  O   . GLU A 1 57 ? -5.779  -5.145  -10.058 1.00 39.99 ? 1196 GLU A O   1 
ATOM   424 C  CB  . GLU A 1 57 ? -4.035  -5.589  -12.781 1.00 40.19 ? 1196 GLU A CB  1 
ATOM   425 C  CG  . GLU A 1 57 ? -3.803  -5.153  -14.227 1.00 40.85 ? 1196 GLU A CG  1 
ATOM   426 C  CD  . GLU A 1 57 ? -5.029  -4.444  -14.842 1.00 41.58 ? 1196 GLU A CD  1 
ATOM   427 O  OE1 . GLU A 1 57 ? -6.082  -5.251  -15.097 1.00 43.08 ? 1196 GLU A OE1 1 
ATOM   428 O  OE2 . GLU A 1 57 ? -4.951  -3.100  -15.079 1.00 41.57 ? 1196 GLU A OE2 1 
ATOM   429 N  N   . ASN A 1 58 ? -3.581  -5.165  -9.598  1.00 39.84 ? 1197 ASN A N   1 
ATOM   430 C  CA  . ASN A 1 58 ? -3.792  -5.682  -8.247  1.00 39.77 ? 1197 ASN A CA  1 
ATOM   431 C  C   . ASN A 1 58 ? -4.279  -4.650  -7.237  1.00 39.82 ? 1197 ASN A C   1 
ATOM   432 O  O   . ASN A 1 58 ? -5.125  -4.965  -6.396  1.00 39.96 ? 1197 ASN A O   1 
ATOM   433 C  CB  . ASN A 1 58 ? -2.563  -6.441  -7.732  1.00 39.75 ? 1197 ASN A CB  1 
ATOM   434 C  CG  . ASN A 1 58 ? -2.503  -7.870  -8.264  1.00 39.77 ? 1197 ASN A CG  1 
ATOM   435 O  OD1 . ASN A 1 58 ? -3.532  -8.443  -8.645  1.00 38.34 ? 1197 ASN A OD1 1 
ATOM   436 N  ND2 . ASN A 1 58 ? -1.299  -8.446  -8.286  1.00 39.58 ? 1197 ASN A ND2 1 
ATOM   437 N  N   . VAL A 1 59 ? -3.764  -3.423  -7.317  1.00 39.71 ? 1198 VAL A N   1 
ATOM   438 C  CA  . VAL A 1 59 ? -4.218  -2.362  -6.412  1.00 40.00 ? 1198 VAL A CA  1 
ATOM   439 C  C   . VAL A 1 59 ? -5.723  -2.097  -6.562  1.00 40.12 ? 1198 VAL A C   1 
ATOM   440 O  O   . VAL A 1 59 ? -6.402  -1.814  -5.577  1.00 40.07 ? 1198 VAL A O   1 
ATOM   441 C  CB  . VAL A 1 59 ? -3.365  -1.058  -6.522  1.00 39.76 ? 1198 VAL A CB  1 
ATOM   442 C  CG1 . VAL A 1 59 ? -3.690  -0.262  -7.782  1.00 40.92 ? 1198 VAL A CG1 1 
ATOM   443 C  CG2 . VAL A 1 59 ? -3.552  -0.189  -5.278  1.00 40.46 ? 1198 VAL A CG2 1 
ATOM   444 N  N   . LYS A 1 60 ? -6.230  -2.234  -7.789  1.00 40.41 ? 1199 LYS A N   1 
ATOM   445 C  CA  . LYS A 1 60 ? -7.647  -2.008  -8.108  1.00 40.88 ? 1199 LYS A CA  1 
ATOM   446 C  C   . LYS A 1 60 ? -8.605  -2.977  -7.404  1.00 41.27 ? 1199 LYS A C   1 
ATOM   447 O  O   . LYS A 1 60 ? -9.807  -2.706  -7.309  1.00 41.54 ? 1199 LYS A O   1 
ATOM   448 C  CB  . LYS A 1 60 ? -7.870  -2.065  -9.625  1.00 40.65 ? 1199 LYS A CB  1 
ATOM   449 C  CG  . LYS A 1 60 ? -7.272  -0.890  -10.394 1.00 40.72 ? 1199 LYS A CG  1 
ATOM   450 C  CD  . LYS A 1 60 ? -7.378  -1.065  -11.914 1.00 40.69 ? 1199 LYS A CD  1 
ATOM   451 C  CE  . LYS A 1 60 ? -8.794  -0.820  -12.427 1.00 40.82 ? 1199 LYS A CE  1 
ATOM   452 N  NZ  . LYS A 1 60 ? -8.872  -0.846  -13.920 1.00 40.70 ? 1199 LYS A NZ  1 
ATOM   453 N  N   . ARG A 1 61 ? -8.067  -4.099  -6.928  1.00 41.62 ? 1200 ARG A N   1 
ATOM   454 C  CA  . ARG A 1 61 ? -8.836  -5.119  -6.207  1.00 42.16 ? 1200 ARG A CA  1 
ATOM   455 C  C   . ARG A 1 61 ? -9.080  -4.723  -4.746  1.00 42.31 ? 1200 ARG A C   1 
ATOM   456 O  O   . ARG A 1 61 ? -9.891  -5.346  -4.055  1.00 42.42 ? 1200 ARG A O   1 
ATOM   457 C  CB  . ARG A 1 61 ? -8.119  -6.477  -6.261  1.00 42.10 ? 1200 ARG A CB  1 
ATOM   458 C  CG  . ARG A 1 61 ? -7.809  -6.993  -7.666  1.00 42.46 ? 1200 ARG A CG  1 
ATOM   459 C  CD  . ARG A 1 61 ? -6.931  -8.248  -7.623  1.00 42.69 ? 1200 ARG A CD  1 
ATOM   460 N  NE  . ARG A 1 61 ? -7.702  -9.467  -7.369  1.00 43.79 ? 1200 ARG A NE  1 
ATOM   461 C  CZ  . ARG A 1 61 ? -7.170  -10.674 -7.172  1.00 44.72 ? 1200 ARG A CZ  1 
ATOM   462 N  NH1 . ARG A 1 61 ? -5.853  -10.853 -7.193  1.00 44.43 ? 1200 ARG A NH1 1 
ATOM   463 N  NH2 . ARG A 1 61 ? -7.964  -11.714 -6.950  1.00 45.34 ? 1200 ARG A NH2 1 
ATOM   464 N  N   . ILE A 1 62 ? -8.360  -3.700  -4.282  1.00 42.44 ? 1201 ILE A N   1 
ATOM   465 C  CA  . ILE A 1 62 ? -8.520  -3.163  -2.931  1.00 42.60 ? 1201 ILE A CA  1 
ATOM   466 C  C   . ILE A 1 62 ? -9.775  -2.296  -2.856  1.00 42.76 ? 1201 ILE A C   1 
ATOM   467 O  O   . ILE A 1 62 ? -10.023 -1.479  -3.751  1.00 42.54 ? 1201 ILE A O   1 
ATOM   468 C  CB  . ILE A 1 62 ? -7.256  -2.378  -2.497  1.00 42.56 ? 1201 ILE A CB  1 
ATOM   469 C  CG1 . ILE A 1 62 ? -6.111  -3.370  -2.240  1.00 42.86 ? 1201 ILE A CG1 1 
ATOM   470 C  CG2 . ILE A 1 62 ? -7.532  -1.480  -1.275  1.00 42.66 ? 1201 ILE A CG2 1 
ATOM   471 C  CD1 . ILE A 1 62 ? -4.746  -2.743  -2.041  1.00 42.95 ? 1201 ILE A CD1 1 
ATOM   472 N  N   . ASP A 1 63 ? -10.563 -2.487  -1.794  1.00 42.93 ? 1202 ASP A N   1 
ATOM   473 C  CA  . ASP A 1 63 ? -11.823 -1.758  -1.611  1.00 43.05 ? 1202 ASP A CA  1 
ATOM   474 C  C   . ASP A 1 63 ? -11.583 -0.253  -1.615  1.00 42.73 ? 1202 ASP A C   1 
ATOM   475 O  O   . ASP A 1 63 ? -10.848 0.272   -0.770  1.00 42.22 ? 1202 ASP A O   1 
ATOM   476 C  CB  . ASP A 1 63 ? -12.509 -2.151  -0.295  1.00 43.63 ? 1202 ASP A CB  1 
ATOM   477 C  CG  . ASP A 1 63 ? -12.650 -3.654  -0.125  1.00 44.67 ? 1202 ASP A CG  1 
ATOM   478 O  OD1 . ASP A 1 63 ? -12.170 -4.170  0.908   1.00 46.89 ? 1202 ASP A OD1 1 
ATOM   479 O  OD2 . ASP A 1 63 ? -13.231 -4.315  -1.011  1.00 45.45 ? 1202 ASP A OD2 1 
ATOM   480 N  N   . GLY A 1 64 ? -12.197 0.427   -2.581  1.00 42.13 ? 1203 GLY A N   1 
ATOM   481 C  CA  . GLY A 1 64 ? -12.103 1.881   -2.686  1.00 41.96 ? 1203 GLY A CA  1 
ATOM   482 C  C   . GLY A 1 64 ? -11.066 2.391   -3.668  1.00 41.51 ? 1203 GLY A C   1 
ATOM   483 O  O   . GLY A 1 64 ? -10.871 3.599   -3.792  1.00 41.52 ? 1203 GLY A O   1 
ATOM   484 N  N   . VAL A 1 65 ? -10.393 1.478   -4.362  1.00 41.17 ? 1204 VAL A N   1 
ATOM   485 C  CA  . VAL A 1 65 ? -9.405  1.863   -5.367  1.00 40.77 ? 1204 VAL A CA  1 
ATOM   486 C  C   . VAL A 1 65 ? -9.969  1.672   -6.775  1.00 40.84 ? 1204 VAL A C   1 
ATOM   487 O  O   . VAL A 1 65 ? -10.164 0.543   -7.237  1.00 40.82 ? 1204 VAL A O   1 
ATOM   488 C  CB  . VAL A 1 65 ? -8.054  1.112   -5.191  1.00 40.78 ? 1204 VAL A CB  1 
ATOM   489 C  CG1 . VAL A 1 65 ? -7.073  1.505   -6.289  1.00 40.70 ? 1204 VAL A CG1 1 
ATOM   490 C  CG2 . VAL A 1 65 ? -7.450  1.401   -3.819  1.00 40.11 ? 1204 VAL A CG2 1 
ATOM   491 N  N   . SER A 1 66 ? -10.250 2.798   -7.430  1.00 40.57 ? 1205 SER A N   1 
ATOM   492 C  CA  . SER A 1 66 ? -10.715 2.825   -8.807  1.00 40.37 ? 1205 SER A CA  1 
ATOM   493 C  C   . SER A 1 66 ? -9.529  2.949   -9.759  1.00 40.33 ? 1205 SER A C   1 
ATOM   494 O  O   . SER A 1 66 ? -8.385  3.078   -9.326  1.00 39.77 ? 1205 SER A O   1 
ATOM   495 C  CB  . SER A 1 66 ? -11.650 4.019   -9.006  1.00 40.34 ? 1205 SER A CB  1 
ATOM   496 O  OG  . SER A 1 66 ? -10.980 5.225   -8.672  1.00 40.29 ? 1205 SER A OG  1 
ATOM   497 N  N   . GLU A 1 67 ? -9.820  2.915   -11.059 1.00 40.34 ? 1206 GLU A N   1 
ATOM   498 C  CA  . GLU A 1 67 ? -8.827  3.147   -12.112 1.00 40.67 ? 1206 GLU A CA  1 
ATOM   499 C  C   . GLU A 1 67 ? -8.070  4.466   -11.893 1.00 40.61 ? 1206 GLU A C   1 
ATOM   500 O  O   . GLU A 1 67 ? -6.839  4.505   -11.965 1.00 40.65 ? 1206 GLU A O   1 
ATOM   501 C  CB  . GLU A 1 67 ? -9.517  3.123   -13.483 1.00 40.66 ? 1206 GLU A CB  1 
ATOM   502 C  CG  . GLU A 1 67 ? -8.611  3.377   -14.684 1.00 41.24 ? 1206 GLU A CG  1 
ATOM   503 C  CD  . GLU A 1 67 ? -9.304  3.082   -16.003 1.00 41.16 ? 1206 GLU A CD  1 
ATOM   504 O  OE1 . GLU A 1 67 ? -9.496  1.888   -16.321 1.00 42.03 ? 1206 GLU A OE1 1 
ATOM   505 O  OE2 . GLU A 1 67 ? -9.653  4.040   -16.730 1.00 42.97 ? 1206 GLU A OE2 1 
ATOM   506 N  N   . GLY A 1 68 ? -8.812  5.533   -11.608 1.00 40.51 ? 1207 GLY A N   1 
ATOM   507 C  CA  . GLY A 1 68 ? -8.222  6.845   -11.348 1.00 40.31 ? 1207 GLY A CA  1 
ATOM   508 C  C   . GLY A 1 68 ? -7.323  6.893   -10.126 1.00 40.15 ? 1207 GLY A C   1 
ATOM   509 O  O   . GLY A 1 68 ? -6.208  7.426   -10.188 1.00 40.16 ? 1207 GLY A O   1 
ATOM   510 N  N   . LYS A 1 69 ? -7.803  6.354   -9.006  1.00 39.96 ? 1208 LYS A N   1 
ATOM   511 C  CA  . LYS A 1 69 ? -6.979  6.289   -7.800  1.00 39.53 ? 1208 LYS A CA  1 
ATOM   512 C  C   . LYS A 1 69 ? -5.735  5.427   -8.020  1.00 39.63 ? 1208 LYS A C   1 
ATOM   513 O  O   . LYS A 1 69 ? -4.645  5.795   -7.592  1.00 39.68 ? 1208 LYS A O   1 
ATOM   514 C  CB  . LYS A 1 69 ? -7.772  5.791   -6.585  1.00 39.71 ? 1208 LYS A CB  1 
ATOM   515 C  CG  . LYS A 1 69 ? -6.993  5.909   -5.261  1.00 38.46 ? 1208 LYS A CG  1 
ATOM   516 C  CD  . LYS A 1 69 ? -7.859  5.658   -4.028  1.00 38.87 ? 1208 LYS A CD  1 
ATOM   517 C  CE  . LYS A 1 69 ? -9.019  6.653   -3.905  1.00 38.33 ? 1208 LYS A CE  1 
ATOM   518 N  NZ  . LYS A 1 69 ? -8.578  8.065   -3.728  1.00 37.41 ? 1208 LYS A NZ  1 
ATOM   519 N  N   . ALA A 1 70 ? -5.910  4.292   -8.694  1.00 39.67 ? 1209 ALA A N   1 
ATOM   520 C  CA  . ALA A 1 70 ? -4.805  3.374   -9.006  1.00 39.83 ? 1209 ALA A CA  1 
ATOM   521 C  C   . ALA A 1 70 ? -3.635  4.102   -9.670  1.00 39.95 ? 1209 ALA A C   1 
ATOM   522 O  O   . ALA A 1 70 ? -2.476  3.904   -9.298  1.00 39.41 ? 1209 ALA A O   1 
ATOM   523 C  CB  . ALA A 1 70 ? -5.295  2.248   -9.900  1.00 39.65 ? 1209 ALA A CB  1 
ATOM   524 N  N   . ALA A 1 71 ? -3.954  4.949   -10.651 1.00 39.68 ? 1210 ALA A N   1 
ATOM   525 C  CA  . ALA A 1 71 ? -2.961  5.769   -11.344 1.00 39.99 ? 1210 ALA A CA  1 
ATOM   526 C  C   . ALA A 1 71 ? -2.280  6.756   -10.402 1.00 40.19 ? 1210 ALA A C   1 
ATOM   527 O  O   . ALA A 1 71 ? -1.072  6.991   -10.502 1.00 40.38 ? 1210 ALA A O   1 
ATOM   528 C  CB  . ALA A 1 71 ? -3.608  6.509   -12.517 1.00 40.03 ? 1210 ALA A CB  1 
ATOM   529 N  N   . MET A 1 72 ? -3.056  7.322   -9.478  1.00 40.04 ? 1211 MET A N   1 
ATOM   530 C  CA  . MET A 1 72 ? -2.515  8.225   -8.475  1.00 40.26 ? 1211 MET A CA  1 
ATOM   531 C  C   . MET A 1 72 ? -1.627  7.479   -7.479  1.00 39.78 ? 1211 MET A C   1 
ATOM   532 O  O   . MET A 1 72 ? -0.736  8.073   -6.879  1.00 39.92 ? 1211 MET A O   1 
ATOM   533 C  CB  . MET A 1 72 ? -3.643  8.940   -7.721  1.00 40.37 ? 1211 MET A CB  1 
ATOM   534 C  CG  . MET A 1 72 ? -4.515  9.851   -8.566  1.00 42.03 ? 1211 MET A CG  1 
ATOM   535 S  SD  . MET A 1 72 ? -3.549  10.959  -9.599  1.00 45.23 ? 1211 MET A SD  1 
ATOM   536 C  CE  . MET A 1 72 ? -3.604  10.133  -11.184 1.00 43.05 ? 1211 MET A CE  1 
ATOM   537 N  N   . LEU A 1 73 ? -1.883  6.185   -7.309  1.00 39.59 ? 1212 LEU A N   1 
ATOM   538 C  CA  . LEU A 1 73 ? -1.163  5.364   -6.324  1.00 39.37 ? 1212 LEU A CA  1 
ATOM   539 C  C   . LEU A 1 73 ? 0.105   4.705   -6.879  1.00 39.56 ? 1212 LEU A C   1 
ATOM   540 O  O   . LEU A 1 73 ? 0.764   3.940   -6.175  1.00 39.29 ? 1212 LEU A O   1 
ATOM   541 C  CB  . LEU A 1 73 ? -2.097  4.305   -5.719  1.00 39.13 ? 1212 LEU A CB  1 
ATOM   542 C  CG  . LEU A 1 73 ? -3.179  4.782   -4.740  1.00 39.46 ? 1212 LEU A CG  1 
ATOM   543 C  CD1 . LEU A 1 73 ? -4.135  3.646   -4.381  1.00 39.31 ? 1212 LEU A CD1 1 
ATOM   544 C  CD2 . LEU A 1 73 ? -2.578  5.393   -3.485  1.00 38.94 ? 1212 LEU A CD2 1 
ATOM   545 N  N   . ALA A 1 74 ? 0.448   5.020   -8.128  1.00 39.66 ? 1213 ALA A N   1 
ATOM   546 C  CA  . ALA A 1 74 ? 1.643   4.473   -8.784  1.00 39.95 ? 1213 ALA A CA  1 
ATOM   547 C  C   . ALA A 1 74 ? 2.931   4.611   -7.946  1.00 40.11 ? 1213 ALA A C   1 
ATOM   548 O  O   . ALA A 1 74 ? 3.640   3.630   -7.773  1.00 39.72 ? 1213 ALA A O   1 
ATOM   549 C  CB  . ALA A 1 74 ? 1.817   5.061   -10.204 1.00 40.10 ? 1213 ALA A CB  1 
ATOM   550 N  N   . PRO A 1 75 ? 3.222   5.816   -7.408  1.00 40.54 ? 1214 PRO A N   1 
ATOM   551 C  CA  . PRO A 1 75 ? 4.373   5.989   -6.510  1.00 40.71 ? 1214 PRO A CA  1 
ATOM   552 C  C   . PRO A 1 75 ? 4.413   5.006   -5.327  1.00 40.77 ? 1214 PRO A C   1 
ATOM   553 O  O   . PRO A 1 75 ? 5.491   4.540   -4.956  1.00 40.75 ? 1214 PRO A O   1 
ATOM   554 C  CB  . PRO A 1 75 ? 4.188   7.405   -5.964  1.00 40.75 ? 1214 PRO A CB  1 
ATOM   555 C  CG  . PRO A 1 75 ? 3.380   8.100   -6.953  1.00 41.59 ? 1214 PRO A CG  1 
ATOM   556 C  CD  . PRO A 1 75 ? 2.511   7.089   -7.630  1.00 40.97 ? 1214 PRO A CD  1 
ATOM   557 N  N   . LEU A 1 76 ? 3.250   4.710   -4.748  1.00 40.64 ? 1215 LEU A N   1 
ATOM   558 C  CA  . LEU A 1 76 ? 3.154   3.821   -3.589  1.00 40.57 ? 1215 LEU A CA  1 
ATOM   559 C  C   . LEU A 1 76 ? 3.342   2.359   -3.979  1.00 40.63 ? 1215 LEU A C   1 
ATOM   560 O  O   . LEU A 1 76 ? 3.841   1.560   -3.188  1.00 40.49 ? 1215 LEU A O   1 
ATOM   561 C  CB  . LEU A 1 76 ? 1.816   4.011   -2.873  1.00 40.40 ? 1215 LEU A CB  1 
ATOM   562 C  CG  . LEU A 1 76 ? 1.720   5.196   -1.905  1.00 40.11 ? 1215 LEU A CG  1 
ATOM   563 C  CD1 . LEU A 1 76 ? 1.651   6.520   -2.654  1.00 39.32 ? 1215 LEU A CD1 1 
ATOM   564 C  CD2 . LEU A 1 76 ? 0.521   5.028   -0.986  1.00 39.87 ? 1215 LEU A CD2 1 
ATOM   565 N  N   . LEU A 1 77 ? 2.917   2.016   -5.191  1.00 40.38 ? 1216 LEU A N   1 
ATOM   566 C  CA  . LEU A 1 77 ? 3.145   0.684   -5.751  1.00 40.64 ? 1216 LEU A CA  1 
ATOM   567 C  C   . LEU A 1 77 ? 4.642   0.411   -5.907  1.00 40.59 ? 1216 LEU A C   1 
ATOM   568 O  O   . LEU A 1 77 ? 5.108   -0.706  -5.669  1.00 40.19 ? 1216 LEU A O   1 
ATOM   569 C  CB  . LEU A 1 77 ? 2.438   0.558   -7.107  1.00 40.74 ? 1216 LEU A CB  1 
ATOM   570 C  CG  . LEU A 1 77 ? 1.118   -0.221  -7.203  1.00 41.26 ? 1216 LEU A CG  1 
ATOM   571 C  CD1 . LEU A 1 77 ? 0.218   -0.052  -5.989  1.00 41.72 ? 1216 LEU A CD1 1 
ATOM   572 C  CD2 . LEU A 1 77 ? 0.371   0.130   -8.481  1.00 40.84 ? 1216 LEU A CD2 1 
ATOM   573 N  N   . GLU A 1 78 ? 5.370   1.451   -6.312  1.00 40.62 ? 1217 GLU A N   1 
ATOM   574 C  CA  . GLU A 1 78 ? 6.828   1.439   -6.401  1.00 40.78 ? 1217 GLU A CA  1 
ATOM   575 C  C   . GLU A 1 78 ? 7.479   1.210   -5.026  1.00 40.43 ? 1217 GLU A C   1 
ATOM   576 O  O   . GLU A 1 78 ? 8.465   0.480   -4.917  1.00 40.07 ? 1217 GLU A O   1 
ATOM   577 C  CB  . GLU A 1 78 ? 7.308   2.763   -7.005  1.00 41.14 ? 1217 GLU A CB  1 
ATOM   578 C  CG  . GLU A 1 78 ? 8.634   2.696   -7.739  1.00 43.01 ? 1217 GLU A CG  1 
ATOM   579 C  CD  . GLU A 1 78 ? 8.593   1.816   -8.984  1.00 43.98 ? 1217 GLU A CD  1 
ATOM   580 O  OE1 . GLU A 1 78 ? 7.544   1.765   -9.665  1.00 44.63 ? 1217 GLU A OE1 1 
ATOM   581 O  OE2 . GLU A 1 78 ? 9.618   1.177   -9.279  1.00 45.11 ? 1217 GLU A OE2 1 
ATOM   582 N  N   . VAL A 1 79 ? 6.926   1.839   -3.991  1.00 39.84 ? 1218 VAL A N   1 
ATOM   583 C  CA  . VAL A 1 79 ? 7.415   1.670   -2.607  1.00 39.62 ? 1218 VAL A CA  1 
ATOM   584 C  C   . VAL A 1 79 ? 7.257   0.221   -2.138  1.00 39.66 ? 1218 VAL A C   1 
ATOM   585 O  O   . VAL A 1 79 ? 8.190   -0.365  -1.563  1.00 40.02 ? 1218 VAL A O   1 
ATOM   586 C  CB  . VAL A 1 79 ? 6.691   2.637   -1.614  1.00 39.65 ? 1218 VAL A CB  1 
ATOM   587 C  CG1 . VAL A 1 79 ? 7.027   2.293   -0.151  1.00 38.91 ? 1218 VAL A CG1 1 
ATOM   588 C  CG2 . VAL A 1 79 ? 7.038   4.093   -1.927  1.00 39.35 ? 1218 VAL A CG2 1 
ATOM   589 N  N   . ILE A 1 80 ? 6.075   -0.343  -2.387  1.00 39.60 ? 1219 ILE A N   1 
ATOM   590 C  CA  . ILE A 1 80 ? 5.756   -1.723  -2.021  1.00 39.73 ? 1219 ILE A CA  1 
ATOM   591 C  C   . ILE A 1 80 ? 6.679   -2.715  -2.733  1.00 39.91 ? 1219 ILE A C   1 
ATOM   592 O  O   . ILE A 1 80 ? 7.205   -3.632  -2.106  1.00 40.01 ? 1219 ILE A O   1 
ATOM   593 C  CB  . ILE A 1 80 ? 4.270   -2.063  -2.314  1.00 39.70 ? 1219 ILE A CB  1 
ATOM   594 C  CG1 . ILE A 1 80 ? 3.350   -1.266  -1.383  1.00 39.21 ? 1219 ILE A CG1 1 
ATOM   595 C  CG2 . ILE A 1 80 ? 4.015   -3.567  -2.194  1.00 39.66 ? 1219 ILE A CG2 1 
ATOM   596 C  CD1 . ILE A 1 80 ? 1.874   -1.502  -1.596  1.00 39.62 ? 1219 ILE A CD1 1 
ATOM   597 N  N   . LYS A 1 81 ? 6.892   -2.524  -4.030  1.00 40.29 ? 1220 LYS A N   1 
ATOM   598 C  CA  . LYS A 1 81 ? 7.764   -3.429  -4.785  1.00 40.66 ? 1220 LYS A CA  1 
ATOM   599 C  C   . LYS A 1 81 ? 9.238   -3.323  -4.359  1.00 40.86 ? 1220 LYS A C   1 
ATOM   600 O  O   . LYS A 1 81 ? 9.914   -4.341  -4.210  1.00 40.84 ? 1220 LYS A O   1 
ATOM   601 C  CB  . LYS A 1 81 ? 7.571   -3.292  -6.312  1.00 40.75 ? 1220 LYS A CB  1 
ATOM   602 C  CG  . LYS A 1 81 ? 7.991   -1.962  -6.925  1.00 40.86 ? 1220 LYS A CG  1 
ATOM   603 C  CD  . LYS A 1 81 ? 7.916   -1.984  -8.463  1.00 41.37 ? 1220 LYS A CD  1 
ATOM   604 C  CE  . LYS A 1 81 ? 6.517   -1.642  -8.973  1.00 42.14 ? 1220 LYS A CE  1 
ATOM   605 N  NZ  . LYS A 1 81 ? 6.445   -1.653  -10.459 1.00 43.23 ? 1220 LYS A NZ  1 
ATOM   606 N  N   . HIS A 1 82 ? 9.720   -2.099  -4.143  1.00 41.31 ? 1221 HIS A N   1 
ATOM   607 C  CA  . HIS A 1 82 ? 11.084  -1.871  -3.647  1.00 41.89 ? 1221 HIS A CA  1 
ATOM   608 C  C   . HIS A 1 82 ? 11.284  -2.527  -2.275  1.00 41.69 ? 1221 HIS A C   1 
ATOM   609 O  O   . HIS A 1 82 ? 12.240  -3.286  -2.061  1.00 41.47 ? 1221 HIS A O   1 
ATOM   610 C  CB  . HIS A 1 82 ? 11.377  -0.368  -3.549  1.00 42.33 ? 1221 HIS A CB  1 
ATOM   611 C  CG  . HIS A 1 82 ? 12.823  -0.047  -3.316  1.00 44.44 ? 1221 HIS A CG  1 
ATOM   612 N  ND1 . HIS A 1 82 ? 13.448  -0.254  -2.104  1.00 47.24 ? 1221 HIS A ND1 1 
ATOM   613 C  CD2 . HIS A 1 82 ? 13.766  0.461   -4.144  1.00 46.47 ? 1221 HIS A CD2 1 
ATOM   614 C  CE1 . HIS A 1 82 ? 14.717  0.104   -2.197  1.00 47.19 ? 1221 HIS A CE1 1 
ATOM   615 N  NE2 . HIS A 1 82 ? 14.935  0.542   -3.425  1.00 47.85 ? 1221 HIS A NE2 1 
ATOM   616 N  N   . PHE A 1 83 ? 10.372  -2.216  -1.355  1.00 41.62 ? 1222 PHE A N   1 
ATOM   617 C  CA  . PHE A 1 83 ? 10.406  -2.737  0.009   1.00 41.43 ? 1222 PHE A CA  1 
ATOM   618 C  C   . PHE A 1 83 ? 10.434  -4.264  0.050   1.00 41.94 ? 1222 PHE A C   1 
ATOM   619 O  O   . PHE A 1 83 ? 11.285  -4.854  0.715   1.00 41.51 ? 1222 PHE A O   1 
ATOM   620 C  CB  . PHE A 1 83 ? 9.210   -2.214  0.814   1.00 41.30 ? 1222 PHE A CB  1 
ATOM   621 C  CG  . PHE A 1 83 ? 9.146   -2.751  2.221   1.00 40.50 ? 1222 PHE A CG  1 
ATOM   622 C  CD1 . PHE A 1 83 ? 8.378   -3.869  2.519   1.00 39.95 ? 1222 PHE A CD1 1 
ATOM   623 C  CD2 . PHE A 1 83 ? 9.867   -2.143  3.238   1.00 39.96 ? 1222 PHE A CD2 1 
ATOM   624 C  CE1 . PHE A 1 83 ? 8.323   -4.369  3.820   1.00 40.45 ? 1222 PHE A CE1 1 
ATOM   625 C  CE2 . PHE A 1 83 ? 9.820   -2.638  4.547   1.00 40.53 ? 1222 PHE A CE2 1 
ATOM   626 C  CZ  . PHE A 1 83 ? 9.051   -3.749  4.830   1.00 40.54 ? 1222 PHE A CZ  1 
ATOM   627 N  N   . CYS A 1 84 ? 9.503   -4.892  -0.664  1.00 42.53 ? 1223 CYS A N   1 
ATOM   628 C  CA  . CYS A 1 84 ? 9.340   -6.342  -0.638  1.00 43.46 ? 1223 CYS A CA  1 
ATOM   629 C  C   . CYS A 1 84 ? 10.467  -7.080  -1.359  1.00 44.10 ? 1223 CYS A C   1 
ATOM   630 O  O   . CYS A 1 84 ? 10.632  -8.297  -1.191  1.00 43.99 ? 1223 CYS A O   1 
ATOM   631 C  CB  . CYS A 1 84 ? 7.982   -6.733  -1.212  1.00 43.44 ? 1223 CYS A CB  1 
ATOM   632 S  SG  . CYS A 1 84 ? 6.574   -6.234  -0.205  1.00 44.48 ? 1223 CYS A SG  1 
ATOM   633 N  N   . GLN A 1 85 ? 11.241  -6.336  -2.147  1.00 44.66 ? 1224 GLN A N   1 
ATOM   634 C  CA  . GLN A 1 85 ? 12.459  -6.848  -2.775  1.00 45.31 ? 1224 GLN A CA  1 
ATOM   635 C  C   . GLN A 1 85 ? 13.639  -6.802  -1.796  1.00 45.37 ? 1224 GLN A C   1 
ATOM   636 O  O   . GLN A 1 85 ? 14.317  -7.816  -1.590  1.00 45.22 ? 1224 GLN A O   1 
ATOM   637 C  CB  . GLN A 1 85 ? 12.762  -6.046  -4.045  1.00 45.18 ? 1224 GLN A CB  1 
ATOM   638 C  CG  . GLN A 1 85 ? 14.026  -6.434  -4.789  1.00 45.95 ? 1224 GLN A CG  1 
ATOM   639 C  CD  . GLN A 1 85 ? 14.257  -5.571  -6.023  1.00 46.08 ? 1224 GLN A CD  1 
ATOM   640 O  OE1 . GLN A 1 85 ? 13.473  -4.661  -6.321  1.00 47.37 ? 1224 GLN A OE1 1 
ATOM   641 N  NE2 . GLN A 1 85 ? 15.335  -5.852  -6.745  1.00 47.29 ? 1224 GLN A NE2 1 
ATOM   642 N  N   . THR A 1 86 ? 13.874  -5.631  -1.195  1.00 45.55 ? 1225 THR A N   1 
ATOM   643 C  CA  . THR A 1 86 ? 14.976  -5.434  -0.239  1.00 45.89 ? 1225 THR A CA  1 
ATOM   644 C  C   . THR A 1 86 ? 14.798  -6.343  0.969   1.00 45.80 ? 1225 THR A C   1 
ATOM   645 O  O   . THR A 1 86 ? 15.728  -7.006  1.410   1.00 45.86 ? 1225 THR A O   1 
ATOM   646 C  CB  . THR A 1 86 ? 15.078  -3.965  0.233   1.00 45.92 ? 1225 THR A CB  1 
ATOM   647 O  OG1 . THR A 1 86 ? 15.127  -3.098  -0.905  1.00 46.22 ? 1225 THR A OG1 1 
ATOM   648 C  CG2 . THR A 1 86 ? 16.339  -3.757  1.077   1.00 46.31 ? 1225 THR A CG2 1 
ATOM   649 N  N   . ASN A 1 87 ? 13.588  -6.342  1.509   1.00 45.91 ? 1226 ASN A N   1 
ATOM   650 C  CA  . ASN A 1 87 ? 13.178  -7.324  2.493   1.00 45.90 ? 1226 ASN A CA  1 
ATOM   651 C  C   . ASN A 1 87 ? 12.561  -8.452  1.689   1.00 46.09 ? 1226 ASN A C   1 
ATOM   652 O  O   . ASN A 1 87 ? 12.039  -8.206  0.606   1.00 47.12 ? 1226 ASN A O   1 
ATOM   653 C  CB  . ASN A 1 87 ? 12.162  -6.697  3.444   1.00 45.41 ? 1226 ASN A CB  1 
ATOM   654 C  CG  . ASN A 1 87 ? 12.630  -5.363  3.975   1.00 44.63 ? 1226 ASN A CG  1 
ATOM   655 O  OD1 . ASN A 1 87 ? 13.261  -5.289  5.027   1.00 43.61 ? 1226 ASN A OD1 1 
ATOM   656 N  ND2 . ASN A 1 87 ? 12.355  -4.297  3.230   1.00 43.28 ? 1226 ASN A ND2 1 
ATOM   657 N  N   . SER A 1 88 ? 12.612  -9.674  2.192   1.00 45.70 ? 1227 SER A N   1 
ATOM   658 C  CA  . SER A 1 88 ? 12.194  -10.823 1.389   1.00 45.11 ? 1227 SER A CA  1 
ATOM   659 C  C   . SER A 1 88 ? 10.818  -11.332 1.814   1.00 45.07 ? 1227 SER A C   1 
ATOM   660 O  O   . SER A 1 88 ? 10.689  -12.416 2.393   1.00 45.03 ? 1227 SER A O   1 
ATOM   661 C  CB  . SER A 1 88 ? 13.252  -11.927 1.471   1.00 45.08 ? 1227 SER A CB  1 
ATOM   662 O  OG  . SER A 1 88 ? 14.525  -11.412 1.123   1.00 44.24 ? 1227 SER A OG  1 
ATOM   663 N  N   . VAL A 1 89 ? 9.795   -10.530 1.522   1.00 44.85 ? 1228 VAL A N   1 
ATOM   664 C  CA  . VAL A 1 89 ? 8.423   -10.810 1.953   1.00 44.67 ? 1228 VAL A CA  1 
ATOM   665 C  C   . VAL A 1 89 ? 7.489   -11.053 0.770   1.00 44.67 ? 1228 VAL A C   1 
ATOM   666 O  O   . VAL A 1 89 ? 7.760   -10.601 -0.346  1.00 44.38 ? 1228 VAL A O   1 
ATOM   667 C  CB  . VAL A 1 89 ? 7.849   -9.673  2.838   1.00 44.70 ? 1228 VAL A CB  1 
ATOM   668 C  CG1 . VAL A 1 89 ? 8.645   -9.541  4.115   1.00 44.44 ? 1228 VAL A CG1 1 
ATOM   669 C  CG2 . VAL A 1 89 ? 7.844   -8.363  2.095   1.00 44.49 ? 1228 VAL A CG2 1 
ATOM   670 N  N   . GLN A 1 90 ? 6.390   -11.759 1.034   1.00 44.74 ? 1229 GLN A N   1 
ATOM   671 C  CA  . GLN A 1 90 ? 5.408   -12.113 0.010   1.00 45.17 ? 1229 GLN A CA  1 
ATOM   672 C  C   . GLN A 1 90 ? 4.629   -10.875 -0.442  1.00 45.11 ? 1229 GLN A C   1 
ATOM   673 O  O   . GLN A 1 90 ? 4.336   -9.987  0.363   1.00 44.71 ? 1229 GLN A O   1 
ATOM   674 C  CB  . GLN A 1 90 ? 4.441   -13.187 0.533   1.00 45.26 ? 1229 GLN A CB  1 
ATOM   675 C  CG  . GLN A 1 90 ? 5.106   -14.429 1.151   1.00 45.16 ? 1229 GLN A CG  1 
ATOM   676 C  CD  . GLN A 1 90 ? 4.127   -15.576 1.415   1.00 45.60 ? 1229 GLN A CD  1 
ATOM   677 O  OE1 . GLN A 1 90 ? 3.113   -15.723 0.728   1.00 45.92 ? 1229 GLN A OE1 1 
ATOM   678 N  NE2 . GLN A 1 90 ? 4.445   -16.403 2.408   1.00 45.73 ? 1229 GLN A NE2 1 
ATOM   679 N  N   . THR A 1 91 ? 4.314   -10.820 -1.735  1.00 45.29 ? 1230 THR A N   1 
ATOM   680 C  CA  . THR A 1 91 ? 3.519   -9.727  -2.303  1.00 45.39 ? 1230 THR A CA  1 
ATOM   681 C  C   . THR A 1 91 ? 2.220   -10.271 -2.888  1.00 45.58 ? 1230 THR A C   1 
ATOM   682 O  O   . THR A 1 91 ? 2.076   -11.482 -3.068  1.00 45.40 ? 1230 THR A O   1 
ATOM   683 C  CB  . THR A 1 91 ? 4.272   -8.976  -3.431  1.00 45.50 ? 1230 THR A CB  1 
ATOM   684 O  OG1 . THR A 1 91 ? 4.391   -9.820  -4.582  1.00 44.94 ? 1230 THR A OG1 1 
ATOM   685 C  CG2 . THR A 1 91 ? 5.651   -8.536  -2.982  1.00 45.67 ? 1230 THR A CG2 1 
ATOM   686 N  N   . ASP A 1 92 ? 1.286   -9.363  -3.177  1.00 45.81 ? 1231 ASP A N   1 
ATOM   687 C  CA  . ASP A 1 92 ? 0.040   -9.668  -3.884  1.00 45.90 ? 1231 ASP A CA  1 
ATOM   688 C  C   . ASP A 1 92 ? -0.770  -10.793 -3.230  1.00 46.43 ? 1231 ASP A C   1 
ATOM   689 O  O   . ASP A 1 92 ? -1.086  -11.798 -3.865  1.00 46.27 ? 1231 ASP A O   1 
ATOM   690 C  CB  . ASP A 1 92 ? 0.335   -9.952  -5.362  1.00 45.91 ? 1231 ASP A CB  1 
ATOM   691 C  CG  . ASP A 1 92 ? 1.106   -8.823  -6.026  1.00 45.22 ? 1231 ASP A CG  1 
ATOM   692 O  OD1 . ASP A 1 92 ? 0.478   -7.814  -6.407  1.00 44.85 ? 1231 ASP A OD1 1 
ATOM   693 O  OD2 . ASP A 1 92 ? 2.339   -8.944  -6.166  1.00 44.35 ? 1231 ASP A OD2 1 
ATOM   694 N  N   . LEU A 1 93 ? -1.100  -10.603 -1.956  1.00 47.18 ? 1232 LEU A N   1 
ATOM   695 C  CA  . LEU A 1 93 ? -1.802  -11.602 -1.149  1.00 48.10 ? 1232 LEU A CA  1 
ATOM   696 C  C   . LEU A 1 93 ? -3.312  -11.424 -1.198  1.00 48.48 ? 1232 LEU A C   1 
ATOM   697 O  O   . LEU A 1 93 ? -3.898  -10.783 -0.322  1.00 48.82 ? 1232 LEU A O   1 
ATOM   698 C  CB  . LEU A 1 93 ? -1.351  -11.518 0.313   1.00 48.04 ? 1232 LEU A CB  1 
ATOM   699 C  CG  . LEU A 1 93 ? -0.076  -12.190 0.816   1.00 48.65 ? 1232 LEU A CG  1 
ATOM   700 C  CD1 . LEU A 1 93 ? 1.165   -11.546 0.233   1.00 49.37 ? 1232 LEU A CD1 1 
ATOM   701 C  CD2 . LEU A 1 93 ? -0.060  -12.056 2.326   1.00 48.47 ? 1232 LEU A CD2 1 
ATOM   702 N  N   . PHE A 1 94 ? -3.944  -12.002 -2.210  1.00 49.09 ? 1233 PHE A N   1 
ATOM   703 C  CA  . PHE A 1 94 ? -5.390  -11.878 -2.369  1.00 49.74 ? 1233 PHE A CA  1 
ATOM   704 C  C   . PHE A 1 94 ? -6.084  -13.225 -2.195  1.00 50.25 ? 1233 PHE A C   1 
ATOM   705 O  O   . PHE A 1 94 ? -5.572  -14.261 -2.630  1.00 50.35 ? 1233 PHE A O   1 
ATOM   706 C  CB  . PHE A 1 94 ? -5.730  -11.199 -3.708  1.00 49.53 ? 1233 PHE A CB  1 
ATOM   707 C  CG  . PHE A 1 94 ? -5.096  -9.840  -3.858  1.00 49.59 ? 1233 PHE A CG  1 
ATOM   708 C  CD1 . PHE A 1 94 ? -3.884  -9.690  -4.530  1.00 49.46 ? 1233 PHE A CD1 1 
ATOM   709 C  CD2 . PHE A 1 94 ? -5.685  -8.714  -3.283  1.00 49.65 ? 1233 PHE A CD2 1 
ATOM   710 C  CE1 . PHE A 1 94 ? -3.279  -8.433  -4.643  1.00 49.19 ? 1233 PHE A CE1 1 
ATOM   711 C  CE2 . PHE A 1 94 ? -5.086  -7.452  -3.391  1.00 49.24 ? 1233 PHE A CE2 1 
ATOM   712 C  CZ  . PHE A 1 94 ? -3.882  -7.314  -4.073  1.00 49.09 ? 1233 PHE A CZ  1 
ATOM   713 N  N   . SER A 1 95 ? -7.238  -13.199 -1.530  1.00 50.83 ? 1234 SER A N   1 
ATOM   714 C  CA  . SER A 1 95 ? -7.993  -14.415 -1.214  1.00 51.31 ? 1234 SER A CA  1 
ATOM   715 C  C   . SER A 1 95 ? -8.742  -14.988 -2.421  1.00 51.36 ? 1234 SER A C   1 
ATOM   716 O  O   . SER A 1 95 ? -8.678  -16.191 -2.674  1.00 51.51 ? 1234 SER A O   1 
ATOM   717 C  CB  . SER A 1 95 ? -8.948  -14.174 -0.039  1.00 51.41 ? 1234 SER A CB  1 
ATOM   718 O  OG  . SER A 1 95 ? -9.740  -13.017 -0.247  1.00 51.92 ? 1234 SER A OG  1 
ATOM   719 N  N   . SER A 1 96 ? -9.446  -14.132 -3.157  1.00 51.51 ? 1235 SER A N   1 
ATOM   720 C  CA  . SER A 1 96 ? -10.155 -14.566 -4.363  1.00 51.48 ? 1235 SER A CA  1 
ATOM   721 C  C   . SER A 1 96 ? -9.193  -14.711 -5.542  1.00 51.50 ? 1235 SER A C   1 
ATOM   722 O  O   . SER A 1 96 ? -8.095  -14.149 -5.540  1.00 51.42 ? 1235 SER A O   1 
ATOM   723 C  CB  . SER A 1 96 ? -11.291 -13.598 -4.711  1.00 51.57 ? 1235 SER A CB  1 
ATOM   724 O  OG  . SER A 1 96 ? -12.078 -14.096 -5.783  1.00 51.44 ? 1235 SER A OG  1 
HETATM 725 CL CL  . CL  B 2 .  ? 5.981   2.465   10.349  0.50 52.86 ? 101  CL  A CL  1 
HETATM 726 O  O   . HOH C 3 .  ? 7.483   -4.478  15.538  1.00 35.33 ? 1    HOH A O   1 
HETATM 727 O  O   . HOH C 3 .  ? 0.160   10.596  4.628   1.00 32.10 ? 2    HOH A O   1 
HETATM 728 O  O   . HOH C 3 .  ? -8.227  8.376   6.332   1.00 43.79 ? 3    HOH A O   1 
HETATM 729 O  O   . HOH C 3 .  ? -8.960  8.071   -0.853  1.00 43.53 ? 4    HOH A O   1 
HETATM 730 O  O   . HOH C 3 .  ? -9.671  5.252   6.800   1.00 43.43 ? 5    HOH A O   1 
HETATM 731 O  O   . HOH C 3 .  ? 8.575   2.290   8.372   1.00 36.59 ? 6    HOH A O   1 
HETATM 732 O  O   . HOH C 3 .  ? 13.122  -6.865  14.000  1.00 43.63 ? 7    HOH A O   1 
HETATM 733 O  O   . HOH C 3 .  ? 8.128   6.298   1.887   1.00 38.37 ? 8    HOH A O   1 
HETATM 734 O  O   . HOH C 3 .  ? 9.438   6.576   4.264   1.00 40.61 ? 9    HOH A O   1 
HETATM 735 O  O   . HOH C 3 .  ? 2.468   13.103  7.322   1.00 43.46 ? 10   HOH A O   1 
HETATM 736 O  O   . HOH C 3 .  ? 6.436   11.566  8.205   1.00 42.80 ? 11   HOH A O   1 
HETATM 737 O  O   . HOH C 3 .  ? 4.909   -15.560 15.112  1.00 45.64 ? 12   HOH A O   1 
HETATM 738 O  O   . HOH C 3 .  ? 4.566   11.094  10.425  1.00 40.41 ? 13   HOH A O   1 
HETATM 739 O  O   . HOH C 3 .  ? 7.416   -14.582 12.909  1.00 51.50 ? 14   HOH A O   1 
HETATM 740 O  O   . HOH C 3 .  ? -1.201  18.179  1.159   1.00 52.36 ? 15   HOH A O   1 
HETATM 741 O  O   . HOH C 3 .  ? 10.956  -6.322  10.301  1.00 40.64 ? 16   HOH A O   1 
HETATM 742 O  O   . HOH C 3 .  ? 10.923  3.146   7.254   1.00 43.84 ? 17   HOH A O   1 
HETATM 743 O  O   . HOH C 3 .  ? -4.011  -11.568 13.121  1.00 56.15 ? 18   HOH A O   1 
HETATM 744 O  O   . HOH C 3 .  ? 10.078  12.080  7.975   1.00 51.24 ? 19   HOH A O   1 
HETATM 745 O  O   . HOH C 3 .  ? 9.637   -8.808  9.734   1.00 45.71 ? 20   HOH A O   1 
HETATM 746 O  O   . HOH C 3 .  ? 9.938   -6.796  6.497   1.00 41.62 ? 21   HOH A O   1 
HETATM 747 O  O   . HOH C 3 .  ? -0.689  -10.184 4.891   1.00 45.75 ? 22   HOH A O   1 
HETATM 748 O  O   . HOH C 3 .  ? 5.336   -5.881  15.719  1.00 48.44 ? 23   HOH A O   1 
HETATM 749 O  O   . HOH C 3 .  ? 4.907   11.907  6.191   1.00 44.08 ? 24   HOH A O   1 
HETATM 750 O  O   . HOH C 3 .  ? -12.078 5.303   5.536   1.00 61.80 ? 25   HOH A O   1 
HETATM 751 O  O   . HOH C 3 .  ? -10.209 -14.405 18.508  1.00 72.22 ? 26   HOH A O   1 
HETATM 752 O  O   . HOH C 3 .  ? -2.923  -6.594  10.416  1.00 57.60 ? 27   HOH A O   1 
HETATM 753 O  O   . HOH C 3 .  ? -4.787  20.871  -6.307  1.00 55.21 ? 28   HOH A O   1 
HETATM 754 O  O   . HOH C 3 .  ? 10.501  1.355   -0.338  1.00 57.73 ? 29   HOH A O   1 
HETATM 755 O  O   . HOH C 3 .  ? 8.379   8.553   0.277   1.00 54.87 ? 30   HOH A O   1 
HETATM 756 O  O   . HOH C 3 .  ? 13.278  -8.779  15.998  1.00 56.64 ? 31   HOH A O   1 
HETATM 757 O  O   . HOH C 3 .  ? -11.822 -1.379  -5.944  1.00 66.65 ? 32   HOH A O   1 
HETATM 758 O  O   . HOH C 3 .  ? 6.070   -8.329  15.638  1.00 46.02 ? 33   HOH A O   1 
HETATM 759 O  O   . HOH C 3 .  ? -11.638 3.913   2.131   1.00 59.21 ? 34   HOH A O   1 
HETATM 760 O  O   . HOH C 3 .  ? 5.289   11.501  -5.212  1.00 65.16 ? 35   HOH A O   1 
HETATM 761 O  O   . HOH C 3 .  ? -3.656  -9.238  9.325   1.00 57.69 ? 36   HOH A O   1 
HETATM 762 O  O   . HOH C 3 .  ? 5.494   -12.047 6.370   1.00 51.48 ? 37   HOH A O   1 
HETATM 763 O  O   . HOH C 3 .  ? -9.025  -9.398  -4.833  1.00 78.22 ? 38   HOH A O   1 
HETATM 764 O  O   . HOH C 3 .  ? 9.681   -8.059  16.100  1.00 52.94 ? 39   HOH A O   1 
HETATM 765 O  O   . HOH C 3 .  ? -7.575  10.341  10.460  1.00 57.74 ? 40   HOH A O   1 
HETATM 766 O  O   . HOH C 3 .  ? -5.582  10.470  6.642   1.00 52.80 ? 41   HOH A O   1 
HETATM 767 O  O   . HOH C 3 .  ? -5.371  -20.325 18.347  1.00 66.03 ? 42   HOH A O   1 
HETATM 768 O  O   . HOH C 3 .  ? 9.420   -14.522 9.258   1.00 66.73 ? 43   HOH A O   1 
HETATM 769 O  O   . HOH C 3 .  ? 8.109   10.715  -7.082  1.00 78.33 ? 44   HOH A O   1 
HETATM 770 O  O   . HOH C 3 .  ? 9.891   8.599   -6.659  1.00 78.61 ? 45   HOH A O   1 
HETATM 771 O  O   . HOH C 3 .  ? -0.449  -3.157  11.773  1.00 69.74 ? 46   HOH A O   1 
HETATM 772 O  O   . HOH C 3 .  ? -3.950  -2.139  11.591  1.00 51.87 ? 47   HOH A O   1 
HETATM 773 O  O   . HOH C 3 .  ? 6.400   12.766  4.078   1.00 48.85 ? 48   HOH A O   1 
HETATM 774 O  O   . HOH C 3 .  ? 0.540   -0.067  16.034  1.00 57.02 ? 49   HOH A O   1 
HETATM 775 O  O   . HOH C 3 .  ? -9.117  8.089   10.362  1.00 59.18 ? 50   HOH A O   1 
HETATM 776 O  O   . HOH C 3 .  ? 3.471   20.915  -6.071  1.00 76.79 ? 51   HOH A O   1 
HETATM 777 O  O   . HOH C 3 .  ? -4.954  24.463  -2.034  1.00 69.69 ? 52   HOH A O   1 
# 
loop_
_pdbx_poly_seq_scheme.asym_id 
_pdbx_poly_seq_scheme.entity_id 
_pdbx_poly_seq_scheme.seq_id 
_pdbx_poly_seq_scheme.mon_id 
_pdbx_poly_seq_scheme.ndb_seq_num 
_pdbx_poly_seq_scheme.pdb_seq_num 
_pdbx_poly_seq_scheme.auth_seq_num 
_pdbx_poly_seq_scheme.pdb_mon_id 
_pdbx_poly_seq_scheme.auth_mon_id 
_pdbx_poly_seq_scheme.pdb_strand_id 
_pdbx_poly_seq_scheme.pdb_ins_code 
_pdbx_poly_seq_scheme.hetero 
A 1 1   GLY 1   1140 ?    ?   ?   A . n 
A 1 2   ILE 2   1141 ?    ?   ?   A . n 
A 1 3   GLN 3   1142 1142 GLN GLN A . n 
A 1 4   PRO 4   1143 1143 PRO PRO A . n 
A 1 5   VAL 5   1144 1144 VAL VAL A . n 
A 1 6   ILE 6   1145 1145 ILE ILE A . n 
A 1 7   SER 7   1146 1146 SER SER A . n 
A 1 8   ALA 8   1147 1147 ALA ALA A . n 
A 1 9   GLN 9   1148 1148 GLN GLN A . n 
A 1 10  GLU 10  1149 1149 GLU GLU A . n 
A 1 11  GLN 11  1150 1150 GLN GLN A . n 
A 1 12  GLU 12  1151 1151 GLU GLU A . n 
A 1 13  THR 13  1152 1152 THR THR A . n 
A 1 14  GLN 14  1153 1153 GLN GLN A . n 
A 1 15  ILE 15  1154 1154 ILE ILE A . n 
A 1 16  VAL 16  1155 1155 VAL VAL A . n 
A 1 17  LEU 17  1156 1156 LEU LEU A . n 
A 1 18  TYR 18  1157 1157 TYR TYR A . n 
A 1 19  GLY 19  1158 1158 GLY GLY A . n 
A 1 20  LYS 20  1159 1159 LYS LYS A . n 
A 1 21  LEU 21  1160 1160 LEU LEU A . n 
A 1 22  VAL 22  1161 1161 VAL VAL A . n 
A 1 23  GLU 23  1162 1162 GLU GLU A . n 
A 1 24  ALA 24  1163 1163 ALA ALA A . n 
A 1 25  ARG 25  1164 1164 ARG ARG A . n 
A 1 26  GLN 26  1165 1165 GLN GLN A . n 
A 1 27  LYS 27  1166 1166 LYS LYS A . n 
A 1 28  HIS 28  1167 1167 HIS HIS A . n 
A 1 29  ALA 29  1168 1168 ALA ALA A . n 
A 1 30  ASN 30  1169 1169 ASN ASN A . n 
A 1 31  LYS 31  1170 1170 LYS LYS A . n 
A 1 32  MET 32  1171 1171 MET MET A . n 
A 1 33  ASP 33  1172 1172 ASP ASP A . n 
A 1 34  VAL 34  1173 1173 VAL VAL A . n 
A 1 35  PRO 35  1174 1174 PRO PRO A . n 
A 1 36  PRO 36  1175 1175 PRO PRO A . n 
A 1 37  ALA 37  1176 1176 ALA ALA A . n 
A 1 38  ILE 38  1177 1177 ILE ILE A . n 
A 1 39  LEU 39  1178 1178 LEU LEU A . n 
A 1 40  ALA 40  1179 1179 ALA ALA A . n 
A 1 41  THR 41  1180 1180 THR THR A . n 
A 1 42  ASN 42  1181 1181 ASN ASN A . n 
A 1 43  LYS 43  1182 1182 LYS LYS A . n 
A 1 44  ILE 44  1183 1183 ILE ILE A . n 
A 1 45  LEU 45  1184 1184 LEU LEU A . n 
A 1 46  VAL 46  1185 1185 VAL VAL A . n 
A 1 47  ASP 47  1186 1186 ASP ASP A . n 
A 1 48  MET 48  1187 1187 MET MET A . n 
A 1 49  ALA 49  1188 1188 ALA ALA A . n 
A 1 50  LYS 50  1189 1189 LYS LYS A . n 
A 1 51  MET 51  1190 1190 MET MET A . n 
A 1 52  ARG 52  1191 1191 ARG ARG A . n 
A 1 53  PRO 53  1192 1192 PRO PRO A . n 
A 1 54  THR 54  1193 1193 THR THR A . n 
A 1 55  THR 55  1194 1194 THR THR A . n 
A 1 56  VAL 56  1195 1195 VAL VAL A . n 
A 1 57  GLU 57  1196 1196 GLU GLU A . n 
A 1 58  ASN 58  1197 1197 ASN ASN A . n 
A 1 59  VAL 59  1198 1198 VAL VAL A . n 
A 1 60  LYS 60  1199 1199 LYS LYS A . n 
A 1 61  ARG 61  1200 1200 ARG ARG A . n 
A 1 62  ILE 62  1201 1201 ILE ILE A . n 
A 1 63  ASP 63  1202 1202 ASP ASP A . n 
A 1 64  GLY 64  1203 1203 GLY GLY A . n 
A 1 65  VAL 65  1204 1204 VAL VAL A . n 
A 1 66  SER 66  1205 1205 SER SER A . n 
A 1 67  GLU 67  1206 1206 GLU GLU A . n 
A 1 68  GLY 68  1207 1207 GLY GLY A . n 
A 1 69  LYS 69  1208 1208 LYS LYS A . n 
A 1 70  ALA 70  1209 1209 ALA ALA A . n 
A 1 71  ALA 71  1210 1210 ALA ALA A . n 
A 1 72  MET 72  1211 1211 MET MET A . n 
A 1 73  LEU 73  1212 1212 LEU LEU A . n 
A 1 74  ALA 74  1213 1213 ALA ALA A . n 
A 1 75  PRO 75  1214 1214 PRO PRO A . n 
A 1 76  LEU 76  1215 1215 LEU LEU A . n 
A 1 77  LEU 77  1216 1216 LEU LEU A . n 
A 1 78  GLU 78  1217 1217 GLU GLU A . n 
A 1 79  VAL 79  1218 1218 VAL VAL A . n 
A 1 80  ILE 80  1219 1219 ILE ILE A . n 
A 1 81  LYS 81  1220 1220 LYS LYS A . n 
A 1 82  HIS 82  1221 1221 HIS HIS A . n 
A 1 83  PHE 83  1222 1222 PHE PHE A . n 
A 1 84  CYS 84  1223 1223 CYS CYS A . n 
A 1 85  GLN 85  1224 1224 GLN GLN A . n 
A 1 86  THR 86  1225 1225 THR THR A . n 
A 1 87  ASN 87  1226 1226 ASN ASN A . n 
A 1 88  SER 88  1227 1227 SER SER A . n 
A 1 89  VAL 89  1228 1228 VAL VAL A . n 
A 1 90  GLN 90  1229 1229 GLN GLN A . n 
A 1 91  THR 91  1230 1230 THR THR A . n 
A 1 92  ASP 92  1231 1231 ASP ASP A . n 
A 1 93  LEU 93  1232 1232 LEU LEU A . n 
A 1 94  PHE 94  1233 1233 PHE PHE A . n 
A 1 95  SER 95  1234 1234 SER SER A . n 
A 1 96  SER 96  1235 1235 SER SER A . n 
A 1 97  THR 97  1236 ?    ?   ?   A . n 
A 1 98  LYS 98  1237 ?    ?   ?   A . n 
A 1 99  PRO 99  1238 ?    ?   ?   A . n 
A 1 100 GLN 100 1239 ?    ?   ?   A . n 
A 1 101 GLU 101 1240 ?    ?   ?   A . n 
A 1 102 GLU 102 1241 ?    ?   ?   A . n 
A 1 103 GLN 103 1242 ?    ?   ?   A . n 
# 
loop_
_pdbx_nonpoly_scheme.asym_id 
_pdbx_nonpoly_scheme.entity_id 
_pdbx_nonpoly_scheme.mon_id 
_pdbx_nonpoly_scheme.ndb_seq_num 
_pdbx_nonpoly_scheme.pdb_seq_num 
_pdbx_nonpoly_scheme.auth_seq_num 
_pdbx_nonpoly_scheme.pdb_mon_id 
_pdbx_nonpoly_scheme.auth_mon_id 
_pdbx_nonpoly_scheme.pdb_strand_id 
_pdbx_nonpoly_scheme.pdb_ins_code 
B 2 CL  1  101 101 CL  CL  A . 
C 3 HOH 1  1   1   HOH HOH A . 
C 3 HOH 2  2   2   HOH HOH A . 
C 3 HOH 3  3   3   HOH HOH A . 
C 3 HOH 4  4   4   HOH HOH A . 
C 3 HOH 5  5   5   HOH HOH A . 
C 3 HOH 6  6   6   HOH HOH A . 
C 3 HOH 7  7   7   HOH HOH A . 
C 3 HOH 8  8   8   HOH HOH A . 
C 3 HOH 9  9   9   HOH HOH A . 
C 3 HOH 10 10  10  HOH HOH A . 
C 3 HOH 11 11  11  HOH HOH A . 
C 3 HOH 12 12  12  HOH HOH A . 
C 3 HOH 13 13  13  HOH HOH A . 
C 3 HOH 14 14  14  HOH HOH A . 
C 3 HOH 15 15  15  HOH HOH A . 
C 3 HOH 16 16  16  HOH HOH A . 
C 3 HOH 17 17  17  HOH HOH A . 
C 3 HOH 18 18  18  HOH HOH A . 
C 3 HOH 19 19  19  HOH HOH A . 
C 3 HOH 20 20  20  HOH HOH A . 
C 3 HOH 21 21  21  HOH HOH A . 
C 3 HOH 22 22  22  HOH HOH A . 
C 3 HOH 23 23  23  HOH HOH A . 
C 3 HOH 24 24  24  HOH HOH A . 
C 3 HOH 25 25  25  HOH HOH A . 
C 3 HOH 26 26  26  HOH HOH A . 
C 3 HOH 27 27  27  HOH HOH A . 
C 3 HOH 28 28  28  HOH HOH A . 
C 3 HOH 29 29  29  HOH HOH A . 
C 3 HOH 30 30  30  HOH HOH A . 
C 3 HOH 31 31  31  HOH HOH A . 
C 3 HOH 32 32  32  HOH HOH A . 
C 3 HOH 33 33  33  HOH HOH A . 
C 3 HOH 34 34  34  HOH HOH A . 
C 3 HOH 35 35  35  HOH HOH A . 
C 3 HOH 36 36  36  HOH HOH A . 
C 3 HOH 37 37  37  HOH HOH A . 
C 3 HOH 38 38  38  HOH HOH A . 
C 3 HOH 39 39  39  HOH HOH A . 
C 3 HOH 40 40  40  HOH HOH A . 
C 3 HOH 41 41  41  HOH HOH A . 
C 3 HOH 42 42  42  HOH HOH A . 
C 3 HOH 43 43  43  HOH HOH A . 
C 3 HOH 44 44  44  HOH HOH A . 
C 3 HOH 45 45  45  HOH HOH A . 
C 3 HOH 46 46  46  HOH HOH A . 
C 3 HOH 47 47  47  HOH HOH A . 
C 3 HOH 48 48  48  HOH HOH A . 
C 3 HOH 49 49  49  HOH HOH A . 
C 3 HOH 50 50  50  HOH HOH A . 
C 3 HOH 51 51  51  HOH HOH A . 
C 3 HOH 52 52  52  HOH HOH A . 
# 
loop_
_pdbx_struct_assembly.id 
_pdbx_struct_assembly.details 
_pdbx_struct_assembly.method_details 
_pdbx_struct_assembly.oligomeric_details 
_pdbx_struct_assembly.oligomeric_count 
1 author_and_software_defined_assembly PQS  monomeric 1 
2 software_defined_assembly            PISA dimeric   2 
# 
loop_
_pdbx_struct_assembly_gen.assembly_id 
_pdbx_struct_assembly_gen.oper_expression 
_pdbx_struct_assembly_gen.asym_id_list 
1 1   A,B,C 
2 1,2 A,B,C 
# 
loop_
_pdbx_struct_assembly_prop.biol_id 
_pdbx_struct_assembly_prop.type 
_pdbx_struct_assembly_prop.value 
_pdbx_struct_assembly_prop.details 
2 'ABSA (A^2)' 1070  ? 
2 MORE         -19   ? 
2 'SSA (A^2)'  10800 ? 
# 
loop_
_pdbx_struct_oper_list.id 
_pdbx_struct_oper_list.type 
_pdbx_struct_oper_list.name 
_pdbx_struct_oper_list.symmetry_operation 
_pdbx_struct_oper_list.matrix[1][1] 
_pdbx_struct_oper_list.matrix[1][2] 
_pdbx_struct_oper_list.matrix[1][3] 
_pdbx_struct_oper_list.vector[1] 
_pdbx_struct_oper_list.matrix[2][1] 
_pdbx_struct_oper_list.matrix[2][2] 
_pdbx_struct_oper_list.matrix[2][3] 
_pdbx_struct_oper_list.vector[2] 
_pdbx_struct_oper_list.matrix[3][1] 
_pdbx_struct_oper_list.matrix[3][2] 
_pdbx_struct_oper_list.matrix[3][3] 
_pdbx_struct_oper_list.vector[3] 
1 'identity operation'         1_555  x,y,z        1.0000000000 0.0000000000 0.0000000000  0.0000000000  0.0000000000 1.0000000000  0.0000000000  0.0000000000 0.0000000000  0.0000000000  1.0000000000  0.0000000000  
2 'crystal symmetry operation' 12_555 x,x-y,-z+1/3 0.1045521846 0.5158248320 -0.8502902936 12.8995229528 0.5158248320 -0.7591102883 -0.3970847679 5.3181038061 -0.8502902936 -0.3970847679 -0.3454418963 19.9830650652 
# 
_pdbx_struct_special_symmetry.id              1 
_pdbx_struct_special_symmetry.PDB_model_num   1 
_pdbx_struct_special_symmetry.auth_asym_id    A 
_pdbx_struct_special_symmetry.auth_comp_id    CL 
_pdbx_struct_special_symmetry.auth_seq_id     101 
_pdbx_struct_special_symmetry.PDB_ins_code    ? 
_pdbx_struct_special_symmetry.label_asym_id   B 
_pdbx_struct_special_symmetry.label_comp_id   CL 
_pdbx_struct_special_symmetry.label_seq_id    . 
# 
loop_
_pdbx_audit_revision_history.ordinal 
_pdbx_audit_revision_history.data_content_type 
_pdbx_audit_revision_history.major_revision 
_pdbx_audit_revision_history.minor_revision 
_pdbx_audit_revision_history.revision_date 
1 'Structure model' 1 0 2006-12-12 
2 'Structure model' 1 1 2008-04-30 
3 'Structure model' 1 2 2011-07-13 
4 'Structure model' 1 3 2023-10-25 
# 
_pdbx_audit_revision_details.ordinal             1 
_pdbx_audit_revision_details.revision_ordinal    1 
_pdbx_audit_revision_details.data_content_type   'Structure model' 
_pdbx_audit_revision_details.provider            repository 
_pdbx_audit_revision_details.type                'Initial release' 
_pdbx_audit_revision_details.description         ? 
_pdbx_audit_revision_details.details             ? 
# 
loop_
_pdbx_audit_revision_group.ordinal 
_pdbx_audit_revision_group.revision_ordinal 
_pdbx_audit_revision_group.data_content_type 
_pdbx_audit_revision_group.group 
1 2 'Structure model' 'Version format compliance' 
2 3 'Structure model' 'Derived calculations'      
3 3 'Structure model' 'Version format compliance' 
4 4 'Structure model' 'Data collection'           
5 4 'Structure model' 'Database references'       
6 4 'Structure model' 'Derived calculations'      
7 4 'Structure model' 'Refinement description'    
# 
loop_
_pdbx_audit_revision_category.ordinal 
_pdbx_audit_revision_category.revision_ordinal 
_pdbx_audit_revision_category.data_content_type 
_pdbx_audit_revision_category.category 
1 4 'Structure model' chem_comp_atom                
2 4 'Structure model' chem_comp_bond                
3 4 'Structure model' database_2                    
4 4 'Structure model' pdbx_initial_refinement_model 
5 4 'Structure model' struct_ref_seq_dif            
6 4 'Structure model' struct_site                   
# 
loop_
_pdbx_audit_revision_item.ordinal 
_pdbx_audit_revision_item.revision_ordinal 
_pdbx_audit_revision_item.data_content_type 
_pdbx_audit_revision_item.item 
1 4 'Structure model' '_database_2.pdbx_DOI'                
2 4 'Structure model' '_database_2.pdbx_database_accession' 
3 4 'Structure model' '_struct_ref_seq_dif.details'         
4 4 'Structure model' '_struct_site.pdbx_auth_asym_id'      
5 4 'Structure model' '_struct_site.pdbx_auth_comp_id'      
6 4 'Structure model' '_struct_site.pdbx_auth_seq_id'       
# 
loop_
_software.name 
_software.classification 
_software.version 
_software.citation_id 
_software.pdbx_ordinal 
HKL-2000 'data collection' . ? 1 
PHASER   phasing           . ? 2 
CNS      refinement        . ? 3 
HKL-2000 'data reduction'  . ? 4 
HKL-2000 'data scaling'    . ? 5 
# 
loop_
_pdbx_validate_rmsd_bond.id 
_pdbx_validate_rmsd_bond.PDB_model_num 
_pdbx_validate_rmsd_bond.auth_atom_id_1 
_pdbx_validate_rmsd_bond.auth_asym_id_1 
_pdbx_validate_rmsd_bond.auth_comp_id_1 
_pdbx_validate_rmsd_bond.auth_seq_id_1 
_pdbx_validate_rmsd_bond.PDB_ins_code_1 
_pdbx_validate_rmsd_bond.label_alt_id_1 
_pdbx_validate_rmsd_bond.auth_atom_id_2 
_pdbx_validate_rmsd_bond.auth_asym_id_2 
_pdbx_validate_rmsd_bond.auth_comp_id_2 
_pdbx_validate_rmsd_bond.auth_seq_id_2 
_pdbx_validate_rmsd_bond.PDB_ins_code_2 
_pdbx_validate_rmsd_bond.label_alt_id_2 
_pdbx_validate_rmsd_bond.bond_value 
_pdbx_validate_rmsd_bond.bond_target_value 
_pdbx_validate_rmsd_bond.bond_deviation 
_pdbx_validate_rmsd_bond.bond_standard_deviation 
_pdbx_validate_rmsd_bond.linker_flag 
1 1 CD A GLU 1196 ? ? OE1 A GLU 1196 ? ? 1.351 1.252 0.099 0.011 N 
2 1 CD A GLU 1196 ? ? OE2 A GLU 1196 ? ? 1.366 1.252 0.114 0.011 N 
# 
_pdbx_validate_torsion.id              1 
_pdbx_validate_torsion.PDB_model_num   1 
_pdbx_validate_torsion.auth_comp_id    SER 
_pdbx_validate_torsion.auth_asym_id    A 
_pdbx_validate_torsion.auth_seq_id     1227 
_pdbx_validate_torsion.PDB_ins_code    ? 
_pdbx_validate_torsion.label_alt_id    ? 
_pdbx_validate_torsion.phi             -103.97 
_pdbx_validate_torsion.psi             69.73 
# 
loop_
_pdbx_unobs_or_zero_occ_residues.id 
_pdbx_unobs_or_zero_occ_residues.PDB_model_num 
_pdbx_unobs_or_zero_occ_residues.polymer_flag 
_pdbx_unobs_or_zero_occ_residues.occupancy_flag 
_pdbx_unobs_or_zero_occ_residues.auth_asym_id 
_pdbx_unobs_or_zero_occ_residues.auth_comp_id 
_pdbx_unobs_or_zero_occ_residues.auth_seq_id 
_pdbx_unobs_or_zero_occ_residues.PDB_ins_code 
_pdbx_unobs_or_zero_occ_residues.label_asym_id 
_pdbx_unobs_or_zero_occ_residues.label_comp_id 
_pdbx_unobs_or_zero_occ_residues.label_seq_id 
1 1 Y 1 A GLY 1140 ? A GLY 1   
2 1 Y 1 A ILE 1141 ? A ILE 2   
3 1 Y 1 A THR 1236 ? A THR 97  
4 1 Y 1 A LYS 1237 ? A LYS 98  
5 1 Y 1 A PRO 1238 ? A PRO 99  
6 1 Y 1 A GLN 1239 ? A GLN 100 
7 1 Y 1 A GLU 1240 ? A GLU 101 
8 1 Y 1 A GLU 1241 ? A GLU 102 
9 1 Y 1 A GLN 1242 ? A GLN 103 
# 
loop_
_chem_comp_atom.comp_id 
_chem_comp_atom.atom_id 
_chem_comp_atom.type_symbol 
_chem_comp_atom.pdbx_aromatic_flag 
_chem_comp_atom.pdbx_stereo_config 
_chem_comp_atom.pdbx_ordinal 
ALA N    N  N N 1   
ALA CA   C  N S 2   
ALA C    C  N N 3   
ALA O    O  N N 4   
ALA CB   C  N N 5   
ALA OXT  O  N N 6   
ALA H    H  N N 7   
ALA H2   H  N N 8   
ALA HA   H  N N 9   
ALA HB1  H  N N 10  
ALA HB2  H  N N 11  
ALA HB3  H  N N 12  
ALA HXT  H  N N 13  
ARG N    N  N N 14  
ARG CA   C  N S 15  
ARG C    C  N N 16  
ARG O    O  N N 17  
ARG CB   C  N N 18  
ARG CG   C  N N 19  
ARG CD   C  N N 20  
ARG NE   N  N N 21  
ARG CZ   C  N N 22  
ARG NH1  N  N N 23  
ARG NH2  N  N N 24  
ARG OXT  O  N N 25  
ARG H    H  N N 26  
ARG H2   H  N N 27  
ARG HA   H  N N 28  
ARG HB2  H  N N 29  
ARG HB3  H  N N 30  
ARG HG2  H  N N 31  
ARG HG3  H  N N 32  
ARG HD2  H  N N 33  
ARG HD3  H  N N 34  
ARG HE   H  N N 35  
ARG HH11 H  N N 36  
ARG HH12 H  N N 37  
ARG HH21 H  N N 38  
ARG HH22 H  N N 39  
ARG HXT  H  N N 40  
ASN N    N  N N 41  
ASN CA   C  N S 42  
ASN C    C  N N 43  
ASN O    O  N N 44  
ASN CB   C  N N 45  
ASN CG   C  N N 46  
ASN OD1  O  N N 47  
ASN ND2  N  N N 48  
ASN OXT  O  N N 49  
ASN H    H  N N 50  
ASN H2   H  N N 51  
ASN HA   H  N N 52  
ASN HB2  H  N N 53  
ASN HB3  H  N N 54  
ASN HD21 H  N N 55  
ASN HD22 H  N N 56  
ASN HXT  H  N N 57  
ASP N    N  N N 58  
ASP CA   C  N S 59  
ASP C    C  N N 60  
ASP O    O  N N 61  
ASP CB   C  N N 62  
ASP CG   C  N N 63  
ASP OD1  O  N N 64  
ASP OD2  O  N N 65  
ASP OXT  O  N N 66  
ASP H    H  N N 67  
ASP H2   H  N N 68  
ASP HA   H  N N 69  
ASP HB2  H  N N 70  
ASP HB3  H  N N 71  
ASP HD2  H  N N 72  
ASP HXT  H  N N 73  
CL  CL   CL N N 74  
CYS N    N  N N 75  
CYS CA   C  N R 76  
CYS C    C  N N 77  
CYS O    O  N N 78  
CYS CB   C  N N 79  
CYS SG   S  N N 80  
CYS OXT  O  N N 81  
CYS H    H  N N 82  
CYS H2   H  N N 83  
CYS HA   H  N N 84  
CYS HB2  H  N N 85  
CYS HB3  H  N N 86  
CYS HG   H  N N 87  
CYS HXT  H  N N 88  
GLN N    N  N N 89  
GLN CA   C  N S 90  
GLN C    C  N N 91  
GLN O    O  N N 92  
GLN CB   C  N N 93  
GLN CG   C  N N 94  
GLN CD   C  N N 95  
GLN OE1  O  N N 96  
GLN NE2  N  N N 97  
GLN OXT  O  N N 98  
GLN H    H  N N 99  
GLN H2   H  N N 100 
GLN HA   H  N N 101 
GLN HB2  H  N N 102 
GLN HB3  H  N N 103 
GLN HG2  H  N N 104 
GLN HG3  H  N N 105 
GLN HE21 H  N N 106 
GLN HE22 H  N N 107 
GLN HXT  H  N N 108 
GLU N    N  N N 109 
GLU CA   C  N S 110 
GLU C    C  N N 111 
GLU O    O  N N 112 
GLU CB   C  N N 113 
GLU CG   C  N N 114 
GLU CD   C  N N 115 
GLU OE1  O  N N 116 
GLU OE2  O  N N 117 
GLU OXT  O  N N 118 
GLU H    H  N N 119 
GLU H2   H  N N 120 
GLU HA   H  N N 121 
GLU HB2  H  N N 122 
GLU HB3  H  N N 123 
GLU HG2  H  N N 124 
GLU HG3  H  N N 125 
GLU HE2  H  N N 126 
GLU HXT  H  N N 127 
GLY N    N  N N 128 
GLY CA   C  N N 129 
GLY C    C  N N 130 
GLY O    O  N N 131 
GLY OXT  O  N N 132 
GLY H    H  N N 133 
GLY H2   H  N N 134 
GLY HA2  H  N N 135 
GLY HA3  H  N N 136 
GLY HXT  H  N N 137 
HIS N    N  N N 138 
HIS CA   C  N S 139 
HIS C    C  N N 140 
HIS O    O  N N 141 
HIS CB   C  N N 142 
HIS CG   C  Y N 143 
HIS ND1  N  Y N 144 
HIS CD2  C  Y N 145 
HIS CE1  C  Y N 146 
HIS NE2  N  Y N 147 
HIS OXT  O  N N 148 
HIS H    H  N N 149 
HIS H2   H  N N 150 
HIS HA   H  N N 151 
HIS HB2  H  N N 152 
HIS HB3  H  N N 153 
HIS HD1  H  N N 154 
HIS HD2  H  N N 155 
HIS HE1  H  N N 156 
HIS HE2  H  N N 157 
HIS HXT  H  N N 158 
HOH O    O  N N 159 
HOH H1   H  N N 160 
HOH H2   H  N N 161 
ILE N    N  N N 162 
ILE CA   C  N S 163 
ILE C    C  N N 164 
ILE O    O  N N 165 
ILE CB   C  N S 166 
ILE CG1  C  N N 167 
ILE CG2  C  N N 168 
ILE CD1  C  N N 169 
ILE OXT  O  N N 170 
ILE H    H  N N 171 
ILE H2   H  N N 172 
ILE HA   H  N N 173 
ILE HB   H  N N 174 
ILE HG12 H  N N 175 
ILE HG13 H  N N 176 
ILE HG21 H  N N 177 
ILE HG22 H  N N 178 
ILE HG23 H  N N 179 
ILE HD11 H  N N 180 
ILE HD12 H  N N 181 
ILE HD13 H  N N 182 
ILE HXT  H  N N 183 
LEU N    N  N N 184 
LEU CA   C  N S 185 
LEU C    C  N N 186 
LEU O    O  N N 187 
LEU CB   C  N N 188 
LEU CG   C  N N 189 
LEU CD1  C  N N 190 
LEU CD2  C  N N 191 
LEU OXT  O  N N 192 
LEU H    H  N N 193 
LEU H2   H  N N 194 
LEU HA   H  N N 195 
LEU HB2  H  N N 196 
LEU HB3  H  N N 197 
LEU HG   H  N N 198 
LEU HD11 H  N N 199 
LEU HD12 H  N N 200 
LEU HD13 H  N N 201 
LEU HD21 H  N N 202 
LEU HD22 H  N N 203 
LEU HD23 H  N N 204 
LEU HXT  H  N N 205 
LYS N    N  N N 206 
LYS CA   C  N S 207 
LYS C    C  N N 208 
LYS O    O  N N 209 
LYS CB   C  N N 210 
LYS CG   C  N N 211 
LYS CD   C  N N 212 
LYS CE   C  N N 213 
LYS NZ   N  N N 214 
LYS OXT  O  N N 215 
LYS H    H  N N 216 
LYS H2   H  N N 217 
LYS HA   H  N N 218 
LYS HB2  H  N N 219 
LYS HB3  H  N N 220 
LYS HG2  H  N N 221 
LYS HG3  H  N N 222 
LYS HD2  H  N N 223 
LYS HD3  H  N N 224 
LYS HE2  H  N N 225 
LYS HE3  H  N N 226 
LYS HZ1  H  N N 227 
LYS HZ2  H  N N 228 
LYS HZ3  H  N N 229 
LYS HXT  H  N N 230 
MET N    N  N N 231 
MET CA   C  N S 232 
MET C    C  N N 233 
MET O    O  N N 234 
MET CB   C  N N 235 
MET CG   C  N N 236 
MET SD   S  N N 237 
MET CE   C  N N 238 
MET OXT  O  N N 239 
MET H    H  N N 240 
MET H2   H  N N 241 
MET HA   H  N N 242 
MET HB2  H  N N 243 
MET HB3  H  N N 244 
MET HG2  H  N N 245 
MET HG3  H  N N 246 
MET HE1  H  N N 247 
MET HE2  H  N N 248 
MET HE3  H  N N 249 
MET HXT  H  N N 250 
PHE N    N  N N 251 
PHE CA   C  N S 252 
PHE C    C  N N 253 
PHE O    O  N N 254 
PHE CB   C  N N 255 
PHE CG   C  Y N 256 
PHE CD1  C  Y N 257 
PHE CD2  C  Y N 258 
PHE CE1  C  Y N 259 
PHE CE2  C  Y N 260 
PHE CZ   C  Y N 261 
PHE OXT  O  N N 262 
PHE H    H  N N 263 
PHE H2   H  N N 264 
PHE HA   H  N N 265 
PHE HB2  H  N N 266 
PHE HB3  H  N N 267 
PHE HD1  H  N N 268 
PHE HD2  H  N N 269 
PHE HE1  H  N N 270 
PHE HE2  H  N N 271 
PHE HZ   H  N N 272 
PHE HXT  H  N N 273 
PRO N    N  N N 274 
PRO CA   C  N S 275 
PRO C    C  N N 276 
PRO O    O  N N 277 
PRO CB   C  N N 278 
PRO CG   C  N N 279 
PRO CD   C  N N 280 
PRO OXT  O  N N 281 
PRO H    H  N N 282 
PRO HA   H  N N 283 
PRO HB2  H  N N 284 
PRO HB3  H  N N 285 
PRO HG2  H  N N 286 
PRO HG3  H  N N 287 
PRO HD2  H  N N 288 
PRO HD3  H  N N 289 
PRO HXT  H  N N 290 
SER N    N  N N 291 
SER CA   C  N S 292 
SER C    C  N N 293 
SER O    O  N N 294 
SER CB   C  N N 295 
SER OG   O  N N 296 
SER OXT  O  N N 297 
SER H    H  N N 298 
SER H2   H  N N 299 
SER HA   H  N N 300 
SER HB2  H  N N 301 
SER HB3  H  N N 302 
SER HG   H  N N 303 
SER HXT  H  N N 304 
THR N    N  N N 305 
THR CA   C  N S 306 
THR C    C  N N 307 
THR O    O  N N 308 
THR CB   C  N R 309 
THR OG1  O  N N 310 
THR CG2  C  N N 311 
THR OXT  O  N N 312 
THR H    H  N N 313 
THR H2   H  N N 314 
THR HA   H  N N 315 
THR HB   H  N N 316 
THR HG1  H  N N 317 
THR HG21 H  N N 318 
THR HG22 H  N N 319 
THR HG23 H  N N 320 
THR HXT  H  N N 321 
TYR N    N  N N 322 
TYR CA   C  N S 323 
TYR C    C  N N 324 
TYR O    O  N N 325 
TYR CB   C  N N 326 
TYR CG   C  Y N 327 
TYR CD1  C  Y N 328 
TYR CD2  C  Y N 329 
TYR CE1  C  Y N 330 
TYR CE2  C  Y N 331 
TYR CZ   C  Y N 332 
TYR OH   O  N N 333 
TYR OXT  O  N N 334 
TYR H    H  N N 335 
TYR H2   H  N N 336 
TYR HA   H  N N 337 
TYR HB2  H  N N 338 
TYR HB3  H  N N 339 
TYR HD1  H  N N 340 
TYR HD2  H  N N 341 
TYR HE1  H  N N 342 
TYR HE2  H  N N 343 
TYR HH   H  N N 344 
TYR HXT  H  N N 345 
VAL N    N  N N 346 
VAL CA   C  N S 347 
VAL C    C  N N 348 
VAL O    O  N N 349 
VAL CB   C  N N 350 
VAL CG1  C  N N 351 
VAL CG2  C  N N 352 
VAL OXT  O  N N 353 
VAL H    H  N N 354 
VAL H2   H  N N 355 
VAL HA   H  N N 356 
VAL HB   H  N N 357 
VAL HG11 H  N N 358 
VAL HG12 H  N N 359 
VAL HG13 H  N N 360 
VAL HG21 H  N N 361 
VAL HG22 H  N N 362 
VAL HG23 H  N N 363 
VAL HXT  H  N N 364 
# 
loop_
_chem_comp_bond.comp_id 
_chem_comp_bond.atom_id_1 
_chem_comp_bond.atom_id_2 
_chem_comp_bond.value_order 
_chem_comp_bond.pdbx_aromatic_flag 
_chem_comp_bond.pdbx_stereo_config 
_chem_comp_bond.pdbx_ordinal 
ALA N   CA   sing N N 1   
ALA N   H    sing N N 2   
ALA N   H2   sing N N 3   
ALA CA  C    sing N N 4   
ALA CA  CB   sing N N 5   
ALA CA  HA   sing N N 6   
ALA C   O    doub N N 7   
ALA C   OXT  sing N N 8   
ALA CB  HB1  sing N N 9   
ALA CB  HB2  sing N N 10  
ALA CB  HB3  sing N N 11  
ALA OXT HXT  sing N N 12  
ARG N   CA   sing N N 13  
ARG N   H    sing N N 14  
ARG N   H2   sing N N 15  
ARG CA  C    sing N N 16  
ARG CA  CB   sing N N 17  
ARG CA  HA   sing N N 18  
ARG C   O    doub N N 19  
ARG C   OXT  sing N N 20  
ARG CB  CG   sing N N 21  
ARG CB  HB2  sing N N 22  
ARG CB  HB3  sing N N 23  
ARG CG  CD   sing N N 24  
ARG CG  HG2  sing N N 25  
ARG CG  HG3  sing N N 26  
ARG CD  NE   sing N N 27  
ARG CD  HD2  sing N N 28  
ARG CD  HD3  sing N N 29  
ARG NE  CZ   sing N N 30  
ARG NE  HE   sing N N 31  
ARG CZ  NH1  sing N N 32  
ARG CZ  NH2  doub N N 33  
ARG NH1 HH11 sing N N 34  
ARG NH1 HH12 sing N N 35  
ARG NH2 HH21 sing N N 36  
ARG NH2 HH22 sing N N 37  
ARG OXT HXT  sing N N 38  
ASN N   CA   sing N N 39  
ASN N   H    sing N N 40  
ASN N   H2   sing N N 41  
ASN CA  C    sing N N 42  
ASN CA  CB   sing N N 43  
ASN CA  HA   sing N N 44  
ASN C   O    doub N N 45  
ASN C   OXT  sing N N 46  
ASN CB  CG   sing N N 47  
ASN CB  HB2  sing N N 48  
ASN CB  HB3  sing N N 49  
ASN CG  OD1  doub N N 50  
ASN CG  ND2  sing N N 51  
ASN ND2 HD21 sing N N 52  
ASN ND2 HD22 sing N N 53  
ASN OXT HXT  sing N N 54  
ASP N   CA   sing N N 55  
ASP N   H    sing N N 56  
ASP N   H2   sing N N 57  
ASP CA  C    sing N N 58  
ASP CA  CB   sing N N 59  
ASP CA  HA   sing N N 60  
ASP C   O    doub N N 61  
ASP C   OXT  sing N N 62  
ASP CB  CG   sing N N 63  
ASP CB  HB2  sing N N 64  
ASP CB  HB3  sing N N 65  
ASP CG  OD1  doub N N 66  
ASP CG  OD2  sing N N 67  
ASP OD2 HD2  sing N N 68  
ASP OXT HXT  sing N N 69  
CYS N   CA   sing N N 70  
CYS N   H    sing N N 71  
CYS N   H2   sing N N 72  
CYS CA  C    sing N N 73  
CYS CA  CB   sing N N 74  
CYS CA  HA   sing N N 75  
CYS C   O    doub N N 76  
CYS C   OXT  sing N N 77  
CYS CB  SG   sing N N 78  
CYS CB  HB2  sing N N 79  
CYS CB  HB3  sing N N 80  
CYS SG  HG   sing N N 81  
CYS OXT HXT  sing N N 82  
GLN N   CA   sing N N 83  
GLN N   H    sing N N 84  
GLN N   H2   sing N N 85  
GLN CA  C    sing N N 86  
GLN CA  CB   sing N N 87  
GLN CA  HA   sing N N 88  
GLN C   O    doub N N 89  
GLN C   OXT  sing N N 90  
GLN CB  CG   sing N N 91  
GLN CB  HB2  sing N N 92  
GLN CB  HB3  sing N N 93  
GLN CG  CD   sing N N 94  
GLN CG  HG2  sing N N 95  
GLN CG  HG3  sing N N 96  
GLN CD  OE1  doub N N 97  
GLN CD  NE2  sing N N 98  
GLN NE2 HE21 sing N N 99  
GLN NE2 HE22 sing N N 100 
GLN OXT HXT  sing N N 101 
GLU N   CA   sing N N 102 
GLU N   H    sing N N 103 
GLU N   H2   sing N N 104 
GLU CA  C    sing N N 105 
GLU CA  CB   sing N N 106 
GLU CA  HA   sing N N 107 
GLU C   O    doub N N 108 
GLU C   OXT  sing N N 109 
GLU CB  CG   sing N N 110 
GLU CB  HB2  sing N N 111 
GLU CB  HB3  sing N N 112 
GLU CG  CD   sing N N 113 
GLU CG  HG2  sing N N 114 
GLU CG  HG3  sing N N 115 
GLU CD  OE1  doub N N 116 
GLU CD  OE2  sing N N 117 
GLU OE2 HE2  sing N N 118 
GLU OXT HXT  sing N N 119 
GLY N   CA   sing N N 120 
GLY N   H    sing N N 121 
GLY N   H2   sing N N 122 
GLY CA  C    sing N N 123 
GLY CA  HA2  sing N N 124 
GLY CA  HA3  sing N N 125 
GLY C   O    doub N N 126 
GLY C   OXT  sing N N 127 
GLY OXT HXT  sing N N 128 
HIS N   CA   sing N N 129 
HIS N   H    sing N N 130 
HIS N   H2   sing N N 131 
HIS CA  C    sing N N 132 
HIS CA  CB   sing N N 133 
HIS CA  HA   sing N N 134 
HIS C   O    doub N N 135 
HIS C   OXT  sing N N 136 
HIS CB  CG   sing N N 137 
HIS CB  HB2  sing N N 138 
HIS CB  HB3  sing N N 139 
HIS CG  ND1  sing Y N 140 
HIS CG  CD2  doub Y N 141 
HIS ND1 CE1  doub Y N 142 
HIS ND1 HD1  sing N N 143 
HIS CD2 NE2  sing Y N 144 
HIS CD2 HD2  sing N N 145 
HIS CE1 NE2  sing Y N 146 
HIS CE1 HE1  sing N N 147 
HIS NE2 HE2  sing N N 148 
HIS OXT HXT  sing N N 149 
HOH O   H1   sing N N 150 
HOH O   H2   sing N N 151 
ILE N   CA   sing N N 152 
ILE N   H    sing N N 153 
ILE N   H2   sing N N 154 
ILE CA  C    sing N N 155 
ILE CA  CB   sing N N 156 
ILE CA  HA   sing N N 157 
ILE C   O    doub N N 158 
ILE C   OXT  sing N N 159 
ILE CB  CG1  sing N N 160 
ILE CB  CG2  sing N N 161 
ILE CB  HB   sing N N 162 
ILE CG1 CD1  sing N N 163 
ILE CG1 HG12 sing N N 164 
ILE CG1 HG13 sing N N 165 
ILE CG2 HG21 sing N N 166 
ILE CG2 HG22 sing N N 167 
ILE CG2 HG23 sing N N 168 
ILE CD1 HD11 sing N N 169 
ILE CD1 HD12 sing N N 170 
ILE CD1 HD13 sing N N 171 
ILE OXT HXT  sing N N 172 
LEU N   CA   sing N N 173 
LEU N   H    sing N N 174 
LEU N   H2   sing N N 175 
LEU CA  C    sing N N 176 
LEU CA  CB   sing N N 177 
LEU CA  HA   sing N N 178 
LEU C   O    doub N N 179 
LEU C   OXT  sing N N 180 
LEU CB  CG   sing N N 181 
LEU CB  HB2  sing N N 182 
LEU CB  HB3  sing N N 183 
LEU CG  CD1  sing N N 184 
LEU CG  CD2  sing N N 185 
LEU CG  HG   sing N N 186 
LEU CD1 HD11 sing N N 187 
LEU CD1 HD12 sing N N 188 
LEU CD1 HD13 sing N N 189 
LEU CD2 HD21 sing N N 190 
LEU CD2 HD22 sing N N 191 
LEU CD2 HD23 sing N N 192 
LEU OXT HXT  sing N N 193 
LYS N   CA   sing N N 194 
LYS N   H    sing N N 195 
LYS N   H2   sing N N 196 
LYS CA  C    sing N N 197 
LYS CA  CB   sing N N 198 
LYS CA  HA   sing N N 199 
LYS C   O    doub N N 200 
LYS C   OXT  sing N N 201 
LYS CB  CG   sing N N 202 
LYS CB  HB2  sing N N 203 
LYS CB  HB3  sing N N 204 
LYS CG  CD   sing N N 205 
LYS CG  HG2  sing N N 206 
LYS CG  HG3  sing N N 207 
LYS CD  CE   sing N N 208 
LYS CD  HD2  sing N N 209 
LYS CD  HD3  sing N N 210 
LYS CE  NZ   sing N N 211 
LYS CE  HE2  sing N N 212 
LYS CE  HE3  sing N N 213 
LYS NZ  HZ1  sing N N 214 
LYS NZ  HZ2  sing N N 215 
LYS NZ  HZ3  sing N N 216 
LYS OXT HXT  sing N N 217 
MET N   CA   sing N N 218 
MET N   H    sing N N 219 
MET N   H2   sing N N 220 
MET CA  C    sing N N 221 
MET CA  CB   sing N N 222 
MET CA  HA   sing N N 223 
MET C   O    doub N N 224 
MET C   OXT  sing N N 225 
MET CB  CG   sing N N 226 
MET CB  HB2  sing N N 227 
MET CB  HB3  sing N N 228 
MET CG  SD   sing N N 229 
MET CG  HG2  sing N N 230 
MET CG  HG3  sing N N 231 
MET SD  CE   sing N N 232 
MET CE  HE1  sing N N 233 
MET CE  HE2  sing N N 234 
MET CE  HE3  sing N N 235 
MET OXT HXT  sing N N 236 
PHE N   CA   sing N N 237 
PHE N   H    sing N N 238 
PHE N   H2   sing N N 239 
PHE CA  C    sing N N 240 
PHE CA  CB   sing N N 241 
PHE CA  HA   sing N N 242 
PHE C   O    doub N N 243 
PHE C   OXT  sing N N 244 
PHE CB  CG   sing N N 245 
PHE CB  HB2  sing N N 246 
PHE CB  HB3  sing N N 247 
PHE CG  CD1  doub Y N 248 
PHE CG  CD2  sing Y N 249 
PHE CD1 CE1  sing Y N 250 
PHE CD1 HD1  sing N N 251 
PHE CD2 CE2  doub Y N 252 
PHE CD2 HD2  sing N N 253 
PHE CE1 CZ   doub Y N 254 
PHE CE1 HE1  sing N N 255 
PHE CE2 CZ   sing Y N 256 
PHE CE2 HE2  sing N N 257 
PHE CZ  HZ   sing N N 258 
PHE OXT HXT  sing N N 259 
PRO N   CA   sing N N 260 
PRO N   CD   sing N N 261 
PRO N   H    sing N N 262 
PRO CA  C    sing N N 263 
PRO CA  CB   sing N N 264 
PRO CA  HA   sing N N 265 
PRO C   O    doub N N 266 
PRO C   OXT  sing N N 267 
PRO CB  CG   sing N N 268 
PRO CB  HB2  sing N N 269 
PRO CB  HB3  sing N N 270 
PRO CG  CD   sing N N 271 
PRO CG  HG2  sing N N 272 
PRO CG  HG3  sing N N 273 
PRO CD  HD2  sing N N 274 
PRO CD  HD3  sing N N 275 
PRO OXT HXT  sing N N 276 
SER N   CA   sing N N 277 
SER N   H    sing N N 278 
SER N   H2   sing N N 279 
SER CA  C    sing N N 280 
SER CA  CB   sing N N 281 
SER CA  HA   sing N N 282 
SER C   O    doub N N 283 
SER C   OXT  sing N N 284 
SER CB  OG   sing N N 285 
SER CB  HB2  sing N N 286 
SER CB  HB3  sing N N 287 
SER OG  HG   sing N N 288 
SER OXT HXT  sing N N 289 
THR N   CA   sing N N 290 
THR N   H    sing N N 291 
THR N   H2   sing N N 292 
THR CA  C    sing N N 293 
THR CA  CB   sing N N 294 
THR CA  HA   sing N N 295 
THR C   O    doub N N 296 
THR C   OXT  sing N N 297 
THR CB  OG1  sing N N 298 
THR CB  CG2  sing N N 299 
THR CB  HB   sing N N 300 
THR OG1 HG1  sing N N 301 
THR CG2 HG21 sing N N 302 
THR CG2 HG22 sing N N 303 
THR CG2 HG23 sing N N 304 
THR OXT HXT  sing N N 305 
TYR N   CA   sing N N 306 
TYR N   H    sing N N 307 
TYR N   H2   sing N N 308 
TYR CA  C    sing N N 309 
TYR CA  CB   sing N N 310 
TYR CA  HA   sing N N 311 
TYR C   O    doub N N 312 
TYR C   OXT  sing N N 313 
TYR CB  CG   sing N N 314 
TYR CB  HB2  sing N N 315 
TYR CB  HB3  sing N N 316 
TYR CG  CD1  doub Y N 317 
TYR CG  CD2  sing Y N 318 
TYR CD1 CE1  sing Y N 319 
TYR CD1 HD1  sing N N 320 
TYR CD2 CE2  doub Y N 321 
TYR CD2 HD2  sing N N 322 
TYR CE1 CZ   doub Y N 323 
TYR CE1 HE1  sing N N 324 
TYR CE2 CZ   sing Y N 325 
TYR CE2 HE2  sing N N 326 
TYR CZ  OH   sing N N 327 
TYR OH  HH   sing N N 328 
TYR OXT HXT  sing N N 329 
VAL N   CA   sing N N 330 
VAL N   H    sing N N 331 
VAL N   H2   sing N N 332 
VAL CA  C    sing N N 333 
VAL CA  CB   sing N N 334 
VAL CA  HA   sing N N 335 
VAL C   O    doub N N 336 
VAL C   OXT  sing N N 337 
VAL CB  CG1  sing N N 338 
VAL CB  CG2  sing N N 339 
VAL CB  HB   sing N N 340 
VAL CG1 HG11 sing N N 341 
VAL CG1 HG12 sing N N 342 
VAL CG1 HG13 sing N N 343 
VAL CG2 HG21 sing N N 344 
VAL CG2 HG22 sing N N 345 
VAL CG2 HG23 sing N N 346 
VAL OXT HXT  sing N N 347 
# 
loop_
_pdbx_entity_nonpoly.entity_id 
_pdbx_entity_nonpoly.name 
_pdbx_entity_nonpoly.comp_id 
2 'CHLORIDE ION' CL  
3 water          HOH 
# 
_pdbx_initial_refinement_model.id               1 
_pdbx_initial_refinement_model.entity_id_list   ? 
_pdbx_initial_refinement_model.type             'experimental model' 
_pdbx_initial_refinement_model.source_name      PDB 
_pdbx_initial_refinement_model.accession_code   2E1E 
_pdbx_initial_refinement_model.details          ? 
# 
